data_4G68
#
_entry.id   4G68
#
_cell.length_a   59.330
_cell.length_b   150.862
_cell.length_c   150.879
_cell.angle_alpha   90.00
_cell.angle_beta   90.00
_cell.angle_gamma   90.00
#
_symmetry.space_group_name_H-M   'P 21 21 21'
#
loop_
_entity.id
_entity.type
_entity.pdbx_description
1 polymer 'ABC transporter'
2 polymer 'ABC transporter'
3 polymer 'ABC transporter'
4 branched beta-D-xylopyranose-(1-4)-beta-D-xylopyranose-(1-4)-alpha-D-xylopyranose
5 water water
#
loop_
_entity_poly.entity_id
_entity_poly.type
_entity_poly.pdbx_seq_one_letter_code
_entity_poly.pdbx_strand_id
1 'polypeptide(L)'
;MAHHHHHHVDDDDKMCSSNNLSKSNTSNSSKTSSSSKKMCSSNNLSKSNTSNSSKTSSSSKKITLTFWNLFTGEPAKTKV
KEIIDQWNKENPNVQIVESVTENDAYKTKIKAAIAANEAPDIFQTWAGGFSQPFVEAGKVLQLDSYLNDGTKDQLLPGSF
DNVTYNGKIYGIPFDQQASVLYINKELFDKYNVKVPTTFSELIDAIKTFKSKGVTPFALGEKDEWPG(MSE)WYYD
(MSE)IALREGGVQLTRDALNGKASFDNQAFTDAAQKLQD(MSE)VNAGAFDSGFMGLTRDEATAEFNQGKAA(MSE)YF
GGNFDAAAFVSDPSSLVKGKIEAVRFPTIEGGKGDPTEYIGGTVGAL(MSE)VSANSKYKDEAVRAAKYLAKQLSDMDYL
IATGLPAWKYDNIDQSKVDPLEIQIMNNIVANAKGSVPAWDIYLSGDAAQTHKDLVAQLFAKQITPEEYSKQ(MSE)QQK
INGK
;
A
2 'polypeptide(L)'
;MAHHHHHHVDDDDKMCSSNNLSKSNTSNSSKTSSSSKKITLTFWNLFTGEPAKTKVKEIIDQWNKENPNVQIVESVTEND
AYKTKIKAAIAANEAPDIFQTWAGGFSQPFVEAGKVLQLDSYLNDGTKDQLLPGSFDNVTYNGKIYGIPFDQQASVLYIN
KELFDKYNVKVPTTFSELIDAIKTFKSKGVTPFALGEKDEWPG(MSE)WYYDMIALREGGVQLTRDALNGKASFDNQAFT
DAAQKLQD(MSE)VNAGAFDSGFMGLTRDEATAEFNQGKAA(MSE)YFGGNFDAAAFVSDPSSLVKGKIEAVRFPTIEGG
KGDPTEYIGGTVGAL(MSE)VSANSKYKDEAVRAAKYLAKQLSDMDYLIATGLPAWKYDNIDQSKVDPLEIQIMNNIVAN
AKGSVPAWDIYLSGDAAQTHKDLVAQLFAKQITPEEYSKQ(MSE)QQKINGK
;
B
3 'polypeptide(L)'
;MAHHHHHHVDDDDKMCSSNNLSKSNTSNSSKTSSSSKKITLTFWNLFTGEPAKTKVKEIIDQWNKENPNVQIVESVTEND
AYKTKIKAAIAANEAPDIFQTWAGGFSQPFVEAGKVLQLDSYLNDGTKDQLLPGSFDNVTYNGKIYGIPFDQQASVLYIN
KELFDKYNVKVPTTFSELIDAIKTFKSKGVTPFALGEKDEWPGMWYYDMIALREGGVQLTRDALNGKASFDNQAFTDAAQ
KLQDMVNAGAFDSGFMGLTRDEATAEFNQGKAAMYFGGNFDAAAFVSDPSSLVKGKIEAVRFPTIEGGKGDPTEYIGGTV
GAL(MSE)VSANSKYKDEAVRAAKYLAKQLSDMDYLIATGLPAWKYDNIDQSKVDPLEIQIMNNIVANAKGSVPAWDIYL
SGDAAQTHKDLVAQLFAKQITPEEYSKQMQQKINGK
;
C
#
loop_
_chem_comp.id
_chem_comp.type
_chem_comp.name
_chem_comp.formula
XYP D-saccharide, beta linking beta-D-xylopyranose 'C5 H10 O5'
XYS D-saccharide, alpha linking alpha-D-xylopyranose 'C5 H10 O5'
#
# COMPACT_ATOMS: atom_id res chain seq x y z
N ILE A 63 -3.49 22.90 -49.09
CA ILE A 63 -4.31 22.15 -48.08
C ILE A 63 -4.41 23.03 -46.84
N THR A 64 -5.60 23.03 -46.20
CA THR A 64 -5.76 23.68 -44.91
C THR A 64 -6.30 22.69 -43.87
N LEU A 65 -5.50 22.47 -42.84
CA LEU A 65 -5.87 21.63 -41.72
C LEU A 65 -6.58 22.48 -40.65
N THR A 66 -7.61 21.93 -40.03
CA THR A 66 -8.15 22.60 -38.84
C THR A 66 -7.58 22.00 -37.55
N PHE A 67 -7.43 22.87 -36.55
CA PHE A 67 -6.87 22.51 -35.20
C PHE A 67 -7.69 23.21 -34.15
N TRP A 68 -8.21 22.41 -33.20
CA TRP A 68 -8.91 23.02 -32.05
C TRP A 68 -8.14 22.84 -30.78
N ASN A 69 -8.12 23.88 -29.97
CA ASN A 69 -7.50 23.84 -28.66
C ASN A 69 -8.22 24.75 -27.64
N LEU A 70 -7.78 24.74 -26.38
CA LEU A 70 -8.45 25.53 -25.37
C LEU A 70 -7.62 26.62 -24.79
N PHE A 71 -6.47 26.95 -25.43
CA PHE A 71 -5.61 27.97 -24.84
C PHE A 71 -6.14 29.39 -25.04
N THR A 72 -7.03 29.79 -24.15
CA THR A 72 -7.74 31.03 -24.29
C THR A 72 -7.09 32.21 -23.56
N GLY A 73 -6.42 31.93 -22.46
CA GLY A 73 -5.78 32.97 -21.70
C GLY A 73 -4.41 33.44 -22.22
N GLU A 74 -3.95 34.61 -21.77
CA GLU A 74 -2.63 35.17 -22.19
C GLU A 74 -1.58 34.79 -21.11
N PRO A 75 -0.33 34.51 -21.50
CA PRO A 75 0.20 34.67 -22.84
C PRO A 75 0.00 33.47 -23.77
N ALA A 76 -0.62 32.39 -23.30
CA ALA A 76 -0.76 31.16 -24.14
C ALA A 76 -1.44 31.44 -25.46
N LYS A 77 -2.53 32.23 -25.45
CA LYS A 77 -3.25 32.43 -26.70
C LYS A 77 -2.29 33.03 -27.77
N THR A 78 -1.46 34.00 -27.34
CA THR A 78 -0.55 34.66 -28.30
C THR A 78 0.54 33.67 -28.74
N LYS A 79 1.04 32.90 -27.78
CA LYS A 79 2.10 31.95 -28.08
C LYS A 79 1.67 30.85 -29.01
N VAL A 80 0.47 30.29 -28.78
CA VAL A 80 -0.05 29.31 -29.69
C VAL A 80 -0.18 29.90 -31.12
N LYS A 81 -0.70 31.14 -31.23
CA LYS A 81 -0.89 31.76 -32.54
C LYS A 81 0.47 31.85 -33.25
N GLU A 82 1.50 32.19 -32.47
CA GLU A 82 2.86 32.35 -32.99
C GLU A 82 3.40 31.00 -33.48
N ILE A 83 3.11 29.96 -32.74
CA ILE A 83 3.53 28.58 -33.11
C ILE A 83 2.86 28.19 -34.42
N ILE A 84 1.57 28.49 -34.54
CA ILE A 84 0.85 28.28 -35.79
C ILE A 84 1.38 29.18 -36.92
N ASP A 85 1.71 30.41 -36.61
CA ASP A 85 2.20 31.33 -37.68
C ASP A 85 3.53 30.79 -38.21
N GLN A 86 4.35 30.27 -37.31
CA GLN A 86 5.65 29.71 -37.73
C GLN A 86 5.46 28.49 -38.66
N TRP A 87 4.55 27.61 -38.28
CA TRP A 87 4.24 26.46 -39.15
C TRP A 87 3.78 26.90 -40.50
N ASN A 88 2.91 27.90 -40.51
CA ASN A 88 2.32 28.34 -41.74
C ASN A 88 3.31 28.99 -42.70
N LYS A 89 4.34 29.61 -42.12
CA LYS A 89 5.45 30.23 -42.90
C LYS A 89 6.33 29.14 -43.47
N GLU A 90 6.53 28.07 -42.69
CA GLU A 90 7.40 26.95 -43.12
C GLU A 90 6.71 25.87 -43.93
N ASN A 91 5.39 25.99 -44.14
CA ASN A 91 4.62 24.99 -44.88
C ASN A 91 3.58 25.68 -45.79
N PRO A 92 4.06 26.37 -46.83
CA PRO A 92 3.13 27.10 -47.67
C PRO A 92 1.99 26.28 -48.15
N ASN A 93 2.16 24.99 -48.41
CA ASN A 93 1.09 24.21 -48.95
C ASN A 93 0.34 23.37 -47.99
N VAL A 94 0.68 23.50 -46.70
CA VAL A 94 -0.13 22.83 -45.67
C VAL A 94 -0.39 23.87 -44.57
N GLN A 95 -1.45 24.64 -44.67
CA GLN A 95 -1.77 25.68 -43.71
C GLN A 95 -2.59 25.10 -42.54
N ILE A 96 -2.44 25.71 -41.35
CA ILE A 96 -3.30 25.33 -40.23
C ILE A 96 -4.17 26.53 -39.89
N VAL A 97 -5.45 26.27 -39.57
CA VAL A 97 -6.28 27.28 -38.97
C VAL A 97 -6.83 26.73 -37.68
N GLU A 98 -6.75 27.55 -36.66
CA GLU A 98 -7.18 27.09 -35.29
C GLU A 98 -8.49 27.72 -34.91
N SER A 99 -9.25 27.02 -34.07
CA SER A 99 -10.44 27.60 -33.42
CA SER A 99 -10.40 27.61 -33.39
C SER A 99 -10.21 27.33 -31.92
N VAL A 100 -10.31 28.35 -31.10
CA VAL A 100 -9.96 28.27 -29.67
C VAL A 100 -11.21 28.41 -28.80
N THR A 101 -11.40 27.47 -27.88
CA THR A 101 -12.68 27.50 -27.08
C THR A 101 -12.31 27.32 -25.60
N GLU A 102 -12.93 28.12 -24.73
CA GLU A 102 -12.67 28.03 -23.29
C GLU A 102 -12.83 26.53 -22.83
N ASN A 103 -11.89 26.09 -21.98
CA ASN A 103 -11.92 24.76 -21.36
C ASN A 103 -13.25 24.05 -21.22
N ASP A 104 -14.13 24.58 -20.34
CA ASP A 104 -15.35 23.79 -20.09
C ASP A 104 -16.28 23.76 -21.32
N ALA A 105 -16.34 24.84 -22.07
CA ALA A 105 -17.16 24.81 -23.36
C ALA A 105 -16.49 23.92 -24.41
N TYR A 106 -15.15 23.78 -24.32
CA TYR A 106 -14.43 22.95 -25.29
C TYR A 106 -14.76 21.49 -25.12
N LYS A 107 -14.89 21.04 -23.86
CA LYS A 107 -15.36 19.65 -23.65
C LYS A 107 -16.66 19.39 -24.37
N THR A 108 -17.62 20.31 -24.22
CA THR A 108 -18.88 20.15 -24.93
C THR A 108 -18.71 20.11 -26.46
N LYS A 109 -17.94 21.05 -26.95
CA LYS A 109 -17.70 21.23 -28.39
C LYS A 109 -17.07 19.95 -28.97
N ILE A 110 -15.97 19.46 -28.37
CA ILE A 110 -15.23 18.36 -29.01
C ILE A 110 -16.05 17.04 -28.94
N LYS A 111 -16.75 16.80 -27.84
CA LYS A 111 -17.58 15.57 -27.74
C LYS A 111 -18.66 15.56 -28.79
N ALA A 112 -19.34 16.71 -28.93
CA ALA A 112 -20.43 16.78 -29.93
C ALA A 112 -19.89 16.61 -31.33
N ALA A 113 -18.75 17.24 -31.60
CA ALA A 113 -18.17 17.23 -32.96
C ALA A 113 -17.75 15.81 -33.36
N ILE A 114 -17.15 15.11 -32.39
CA ILE A 114 -16.66 13.75 -32.67
C ILE A 114 -17.81 12.85 -32.94
N ALA A 115 -18.86 12.99 -32.14
CA ALA A 115 -20.07 12.17 -32.33
C ALA A 115 -20.77 12.44 -33.68
N ALA A 116 -20.71 13.67 -34.16
CA ALA A 116 -21.44 14.12 -35.34
C ALA A 116 -20.53 13.95 -36.56
N ASN A 117 -19.34 13.36 -36.34
CA ASN A 117 -18.33 13.27 -37.43
C ASN A 117 -17.96 14.62 -38.07
N GLU A 118 -17.80 15.68 -37.25
CA GLU A 118 -17.47 17.01 -37.73
C GLU A 118 -16.30 17.56 -36.94
N ALA A 119 -15.51 16.63 -36.44
CA ALA A 119 -14.31 16.98 -35.69
C ALA A 119 -13.21 17.53 -36.61
N PRO A 120 -12.28 18.35 -36.08
CA PRO A 120 -11.22 18.91 -36.87
C PRO A 120 -10.17 17.88 -37.18
N ASP A 121 -9.29 18.24 -38.10
CA ASP A 121 -8.14 17.37 -38.38
C ASP A 121 -7.34 17.03 -37.14
N ILE A 122 -7.12 18.02 -36.29
CA ILE A 122 -6.29 17.85 -35.05
C ILE A 122 -7.00 18.49 -33.91
N PHE A 123 -7.07 17.80 -32.77
CA PHE A 123 -7.76 18.37 -31.64
C PHE A 123 -7.01 18.05 -30.35
N GLN A 124 -7.06 19.00 -29.44
CA GLN A 124 -6.51 18.80 -28.10
C GLN A 124 -7.48 17.94 -27.31
N THR A 125 -6.96 17.11 -26.40
CA THR A 125 -7.83 16.24 -25.67
C THR A 125 -7.14 15.93 -24.35
N TRP A 126 -7.87 15.21 -23.54
CA TRP A 126 -7.34 14.61 -22.32
C TRP A 126 -7.28 13.13 -22.52
N ALA A 127 -6.07 12.58 -22.38
CA ALA A 127 -5.88 11.13 -22.60
C ALA A 127 -6.43 10.33 -21.46
N GLY A 128 -6.67 9.02 -21.68
CA GLY A 128 -7.36 8.15 -20.71
C GLY A 128 -8.83 8.10 -20.94
N GLY A 129 -9.60 8.14 -19.84
CA GLY A 129 -10.99 7.97 -19.95
C GLY A 129 -11.76 8.93 -20.80
N PHE A 130 -11.36 10.20 -20.76
CA PHE A 130 -11.97 11.19 -21.59
C PHE A 130 -12.03 10.80 -23.06
N SER A 131 -10.91 10.34 -23.58
CA SER A 131 -10.83 10.04 -25.01
C SER A 131 -11.27 8.63 -25.36
N GLN A 132 -11.47 7.78 -24.34
CA GLN A 132 -11.66 6.33 -24.62
C GLN A 132 -12.89 6.12 -25.55
N PRO A 133 -14.00 6.88 -25.33
CA PRO A 133 -15.14 6.68 -26.21
C PRO A 133 -14.83 7.03 -27.67
N PHE A 134 -14.09 8.12 -27.90
CA PHE A 134 -13.75 8.52 -29.28
C PHE A 134 -12.97 7.39 -29.98
N VAL A 135 -12.02 6.80 -29.24
CA VAL A 135 -11.16 5.71 -29.77
C VAL A 135 -11.98 4.48 -30.01
N GLU A 136 -12.83 4.12 -29.05
CA GLU A 136 -13.70 2.92 -29.19
C GLU A 136 -14.73 3.08 -30.33
N ALA A 137 -15.14 4.31 -30.61
CA ALA A 137 -16.06 4.55 -31.73
C ALA A 137 -15.38 4.61 -33.11
N GLY A 138 -14.06 4.42 -33.17
CA GLY A 138 -13.38 4.50 -34.47
C GLY A 138 -13.18 5.88 -35.01
N LYS A 139 -13.20 6.88 -34.14
CA LYS A 139 -13.17 8.25 -34.58
C LYS A 139 -11.75 8.85 -34.60
N VAL A 140 -10.76 8.07 -34.12
CA VAL A 140 -9.43 8.59 -33.89
C VAL A 140 -8.44 7.79 -34.75
N LEU A 141 -7.58 8.50 -35.49
CA LEU A 141 -6.55 7.78 -36.27
C LEU A 141 -5.56 7.03 -35.39
N GLN A 142 -5.34 5.74 -35.69
CA GLN A 142 -4.21 5.06 -34.99
C GLN A 142 -2.88 5.61 -35.46
N LEU A 143 -1.95 5.78 -34.52
CA LEU A 143 -0.68 6.47 -34.86
C LEU A 143 0.58 5.58 -34.87
N ASP A 144 0.44 4.30 -34.53
CA ASP A 144 1.65 3.42 -34.49
C ASP A 144 2.54 3.50 -35.77
N SER A 145 1.91 3.46 -36.91
CA SER A 145 2.67 3.49 -38.19
C SER A 145 3.42 4.79 -38.42
N TYR A 146 3.07 5.86 -37.66
CA TYR A 146 3.73 7.13 -37.82
C TYR A 146 4.74 7.34 -36.70
N LEU A 147 4.92 6.31 -35.87
CA LEU A 147 5.82 6.47 -34.72
C LEU A 147 7.05 5.58 -34.78
N ASN A 148 7.46 5.27 -36.01
CA ASN A 148 8.67 4.43 -36.24
C ASN A 148 9.79 5.28 -36.80
N ASP A 149 9.65 6.62 -36.61
CA ASP A 149 10.60 7.58 -37.14
C ASP A 149 11.49 8.24 -36.07
N GLY A 150 11.53 7.67 -34.88
CA GLY A 150 12.32 8.24 -33.77
C GLY A 150 11.55 9.22 -32.88
N THR A 151 10.28 9.46 -33.20
CA THR A 151 9.50 10.44 -32.42
C THR A 151 9.43 10.09 -30.92
N LYS A 152 9.26 8.82 -30.62
CA LYS A 152 9.13 8.41 -29.24
C LYS A 152 10.28 8.78 -28.33
N ASP A 153 11.48 8.78 -28.90
CA ASP A 153 12.69 9.08 -28.15
C ASP A 153 12.84 10.54 -27.78
N GLN A 154 12.00 11.35 -28.39
CA GLN A 154 11.94 12.77 -28.15
C GLN A 154 11.03 13.16 -27.01
N LEU A 155 10.23 12.22 -26.52
CA LEU A 155 9.38 12.42 -25.36
C LEU A 155 9.93 11.71 -24.15
N LEU A 156 9.52 12.20 -23.00
CA LEU A 156 9.89 11.57 -21.72
C LEU A 156 9.37 10.13 -21.66
N PRO A 157 10.05 9.29 -20.87
CA PRO A 157 9.65 7.90 -20.68
C PRO A 157 8.25 7.78 -20.19
N GLY A 158 7.47 6.84 -20.75
CA GLY A 158 6.11 6.57 -20.27
C GLY A 158 5.03 7.54 -20.80
N SER A 159 5.46 8.44 -21.66
CA SER A 159 4.56 9.50 -22.19
C SER A 159 3.33 8.97 -22.90
N PHE A 160 3.43 7.79 -23.53
CA PHE A 160 2.36 7.26 -24.39
C PHE A 160 1.34 6.40 -23.71
N ASP A 161 1.60 6.03 -22.48
CA ASP A 161 0.77 5.06 -21.82
C ASP A 161 -0.74 5.46 -21.89
N ASN A 162 -1.04 6.71 -21.53
CA ASN A 162 -2.42 7.08 -21.50
C ASN A 162 -3.14 7.25 -22.83
N VAL A 163 -2.39 7.40 -23.90
CA VAL A 163 -2.95 7.46 -25.26
C VAL A 163 -2.93 6.12 -25.98
N THR A 164 -2.63 5.08 -25.26
CA THR A 164 -2.59 3.71 -25.77
C THR A 164 -3.86 2.96 -25.32
N TYR A 165 -4.57 2.37 -26.26
CA TYR A 165 -5.77 1.65 -25.96
C TYR A 165 -5.77 0.36 -26.77
N ASN A 166 -6.15 -0.72 -26.10
CA ASN A 166 -6.04 -2.03 -26.76
C ASN A 166 -4.69 -2.23 -27.40
N GLY A 167 -3.66 -1.73 -26.74
CA GLY A 167 -2.26 -1.96 -27.21
C GLY A 167 -1.82 -1.12 -28.41
N LYS A 168 -2.61 -0.13 -28.81
CA LYS A 168 -2.32 0.66 -29.96
C LYS A 168 -2.34 2.15 -29.56
N ILE A 169 -1.55 2.96 -30.25
CA ILE A 169 -1.41 4.39 -29.84
C ILE A 169 -2.34 5.24 -30.68
N TYR A 170 -3.10 6.13 -30.01
CA TYR A 170 -4.07 6.98 -30.67
C TYR A 170 -3.82 8.48 -30.38
N GLY A 171 -2.66 8.86 -29.88
CA GLY A 171 -2.47 10.30 -29.67
C GLY A 171 -1.04 10.67 -29.56
N ILE A 172 -0.73 11.96 -29.74
CA ILE A 172 0.66 12.47 -29.50
C ILE A 172 0.64 13.25 -28.18
N PRO A 173 1.24 12.73 -27.13
CA PRO A 173 1.22 13.46 -25.85
C PRO A 173 1.95 14.82 -25.95
N PHE A 174 1.51 15.79 -25.17
CA PHE A 174 2.27 17.06 -25.09
C PHE A 174 2.45 17.58 -23.66
N ASP A 175 1.60 17.19 -22.74
CA ASP A 175 1.77 17.68 -21.32
C ASP A 175 1.34 16.74 -20.20
N GLN A 176 1.90 17.02 -19.02
CA GLN A 176 1.60 16.26 -17.82
C GLN A 176 0.94 17.19 -16.82
N GLN A 177 0.11 16.60 -15.99
CA GLN A 177 -0.54 17.38 -14.95
C GLN A 177 -0.03 16.91 -13.57
N ALA A 178 -0.08 17.78 -12.58
CA ALA A 178 0.29 17.40 -11.21
C ALA A 178 -0.47 18.35 -10.27
N SER A 179 -0.89 17.84 -9.13
CA SER A 179 -1.66 18.61 -8.13
C SER A 179 -0.70 19.46 -7.27
N VAL A 180 -1.03 20.73 -7.10
CA VAL A 180 -0.11 21.71 -6.47
C VAL A 180 -0.96 22.49 -5.45
N LEU A 181 -0.48 22.54 -4.23
CA LEU A 181 -0.94 23.56 -3.26
C LEU A 181 -0.07 24.81 -3.38
N TYR A 182 -0.68 25.90 -3.88
CA TYR A 182 0.07 27.18 -4.05
C TYR A 182 -0.12 28.04 -2.82
N ILE A 183 1.00 28.63 -2.38
CA ILE A 183 1.08 29.37 -1.08
C ILE A 183 1.47 30.80 -1.44
N ASN A 184 0.73 31.80 -0.93
CA ASN A 184 1.14 33.20 -1.06
C ASN A 184 2.09 33.47 0.12
N LYS A 185 3.36 33.45 -0.16
CA LYS A 185 4.40 33.57 0.91
C LYS A 185 4.27 34.92 1.62
N GLU A 186 3.84 35.93 0.93
CA GLU A 186 3.71 37.27 1.49
C GLU A 186 2.64 37.27 2.58
N LEU A 187 1.51 36.69 2.25
CA LEU A 187 0.43 36.58 3.24
C LEU A 187 0.80 35.69 4.40
N PHE A 188 1.40 34.56 4.10
CA PHE A 188 1.91 33.62 5.20
C PHE A 188 2.92 34.33 6.15
N ASP A 189 3.82 35.12 5.56
CA ASP A 189 4.79 35.87 6.40
C ASP A 189 4.13 36.98 7.18
N LYS A 190 3.17 37.66 6.56
CA LYS A 190 2.45 38.76 7.21
C LYS A 190 1.92 38.31 8.56
N TYR A 191 1.30 37.13 8.58
CA TYR A 191 0.63 36.61 9.78
C TYR A 191 1.42 35.54 10.54
N ASN A 192 2.67 35.34 10.10
CA ASN A 192 3.62 34.35 10.67
C ASN A 192 3.00 32.91 10.69
N VAL A 193 2.34 32.57 9.63
CA VAL A 193 1.73 31.24 9.50
C VAL A 193 2.78 30.35 8.81
N LYS A 194 2.98 29.17 9.33
CA LYS A 194 3.91 28.23 8.66
C LYS A 194 3.16 27.50 7.49
N VAL A 195 3.88 27.11 6.44
CA VAL A 195 3.22 26.30 5.37
C VAL A 195 2.73 25.01 5.99
N PRO A 196 1.46 24.61 5.77
CA PRO A 196 1.00 23.40 6.45
C PRO A 196 1.48 22.14 5.77
N THR A 197 1.84 21.16 6.60
CA THR A 197 2.39 19.93 6.05
C THR A 197 1.46 18.76 6.39
N THR A 198 0.54 18.97 7.36
CA THR A 198 -0.47 18.02 7.72
C THR A 198 -1.86 18.64 7.63
N PHE A 199 -2.86 17.79 7.49
CA PHE A 199 -4.21 18.30 7.34
C PHE A 199 -4.66 19.04 8.59
N SER A 200 -4.25 18.56 9.78
CA SER A 200 -4.48 19.35 11.02
C SER A 200 -3.93 20.76 10.98
N GLU A 201 -2.70 20.89 10.48
CA GLU A 201 -2.08 22.19 10.30
C GLU A 201 -2.85 23.03 9.27
N LEU A 202 -3.34 22.37 8.22
CA LEU A 202 -4.08 23.09 7.19
C LEU A 202 -5.36 23.64 7.76
N ILE A 203 -6.08 22.84 8.52
CA ILE A 203 -7.33 23.41 9.13
C ILE A 203 -7.00 24.56 10.10
N ASP A 204 -5.90 24.41 10.86
CA ASP A 204 -5.50 25.52 11.75
C ASP A 204 -5.16 26.79 10.96
N ALA A 205 -4.49 26.62 9.84
CA ALA A 205 -4.16 27.78 8.99
C ALA A 205 -5.36 28.41 8.39
N ILE A 206 -6.31 27.62 7.91
CA ILE A 206 -7.54 28.17 7.42
C ILE A 206 -8.23 29.04 8.53
N LYS A 207 -8.23 28.52 9.75
CA LYS A 207 -8.86 29.25 10.88
C LYS A 207 -8.10 30.51 11.18
N THR A 208 -6.77 30.46 11.07
CA THR A 208 -5.95 31.65 11.33
C THR A 208 -6.20 32.74 10.30
N PHE A 209 -6.18 32.33 9.01
CA PHE A 209 -6.46 33.33 7.99
C PHE A 209 -7.85 33.90 8.11
N LYS A 210 -8.84 33.02 8.33
CA LYS A 210 -10.24 33.48 8.40
C LYS A 210 -10.36 34.55 9.49
N SER A 211 -9.70 34.30 10.62
CA SER A 211 -9.70 35.20 11.79
C SER A 211 -9.11 36.59 11.48
N LYS A 212 -8.18 36.64 10.53
CA LYS A 212 -7.58 37.86 10.08
C LYS A 212 -8.34 38.49 8.95
N GLY A 213 -9.45 37.88 8.51
CA GLY A 213 -10.24 38.44 7.43
C GLY A 213 -9.63 38.18 6.05
N VAL A 214 -8.73 37.21 6.01
CA VAL A 214 -8.04 36.81 4.78
C VAL A 214 -8.74 35.50 4.22
N THR A 215 -9.21 35.55 2.98
CA THR A 215 -9.80 34.31 2.35
C THR A 215 -8.73 33.20 2.36
N PRO A 216 -9.00 32.07 3.02
CA PRO A 216 -7.90 31.04 3.04
C PRO A 216 -7.59 30.46 1.65
N PHE A 217 -8.65 30.05 0.94
CA PHE A 217 -8.50 29.44 -0.42
C PHE A 217 -9.30 30.19 -1.43
N ALA A 218 -8.67 30.50 -2.58
CA ALA A 218 -9.41 30.96 -3.77
C ALA A 218 -9.92 29.76 -4.61
N LEU A 219 -11.24 29.51 -4.63
CA LEU A 219 -11.78 28.33 -5.32
C LEU A 219 -12.99 28.83 -6.08
N GLY A 220 -13.03 28.39 -7.31
CA GLY A 220 -14.18 28.67 -8.22
C GLY A 220 -14.82 27.33 -8.58
N GLU A 221 -15.95 27.07 -7.93
CA GLU A 221 -16.60 25.72 -8.01
C GLU A 221 -17.74 25.61 -8.99
N LYS A 222 -18.05 26.69 -9.70
CA LYS A 222 -19.14 26.65 -10.69
C LYS A 222 -19.14 25.52 -11.72
N ASP A 223 -17.97 25.26 -12.30
CA ASP A 223 -17.78 24.23 -13.27
C ASP A 223 -17.43 22.85 -12.69
N GLU A 224 -17.37 22.77 -11.35
CA GLU A 224 -17.34 21.53 -10.58
C GLU A 224 -16.00 20.79 -10.55
N TRP A 225 -15.29 20.75 -11.68
CA TRP A 225 -14.05 20.02 -11.70
C TRP A 225 -12.93 20.65 -10.78
N PRO A 226 -12.91 21.99 -10.61
CA PRO A 226 -11.82 22.49 -9.72
C PRO A 226 -11.93 22.07 -8.28
N GLY A 227 -13.15 22.07 -7.76
CA GLY A 227 -13.41 21.57 -6.39
C GLY A 227 -13.21 20.06 -6.30
N MSE A 228 -13.59 19.33 -7.31
CA MSE A 228 -13.34 17.90 -7.37
C MSE A 228 -11.90 17.56 -7.19
O MSE A 228 -11.65 16.53 -6.59
CB MSE A 228 -13.85 17.38 -8.71
CG MSE A 228 -13.89 15.89 -8.83
SE MSE A 228 -13.67 15.49 -10.80
CE MSE A 228 -11.83 16.28 -10.87
N TRP A 229 -10.95 18.32 -7.72
CA TRP A 229 -9.54 18.07 -7.40
C TRP A 229 -9.24 17.97 -5.94
N TYR A 230 -9.95 18.81 -5.17
CA TYR A 230 -9.74 18.75 -3.72
C TYR A 230 -10.20 17.37 -3.17
N TYR A 231 -11.41 16.96 -3.56
CA TYR A 231 -11.91 15.65 -3.06
C TYR A 231 -10.90 14.55 -3.51
N ASP A 232 -10.54 14.54 -4.80
CA ASP A 232 -9.79 13.40 -5.34
C ASP A 232 -8.45 13.33 -4.61
N MSE A 233 -7.83 14.49 -4.31
CA MSE A 233 -6.57 14.50 -3.48
C MSE A 233 -6.79 14.03 -2.12
O MSE A 233 -5.96 13.26 -1.63
CB MSE A 233 -5.87 15.87 -3.49
CG MSE A 233 -4.86 15.98 -2.31
SE MSE A 233 -3.38 14.72 -2.58
CE MSE A 233 -3.05 15.73 -4.19
N ILE A 234 -7.83 14.49 -1.50
CA ILE A 234 -8.02 14.06 -0.11
C ILE A 234 -8.27 12.50 -0.10
N ALA A 235 -9.07 12.01 -1.06
CA ALA A 235 -9.28 10.55 -1.16
C ALA A 235 -7.98 9.79 -1.42
N LEU A 236 -7.07 10.37 -2.18
CA LEU A 236 -5.79 9.78 -2.43
C LEU A 236 -4.93 9.69 -1.15
N ARG A 237 -4.95 10.74 -0.33
CA ARG A 237 -4.27 10.73 0.96
C ARG A 237 -4.93 9.77 1.95
N GLU A 238 -6.29 9.69 1.95
CA GLU A 238 -7.00 8.78 2.86
C GLU A 238 -6.78 7.31 2.52
N GLY A 239 -6.89 7.01 1.24
CA GLY A 239 -7.03 5.64 0.78
C GLY A 239 -5.85 5.05 0.07
N GLY A 240 -4.95 5.92 -0.39
CA GLY A 240 -3.85 5.52 -1.28
C GLY A 240 -4.20 5.27 -2.75
N VAL A 241 -3.18 5.22 -3.61
CA VAL A 241 -3.43 5.17 -5.08
C VAL A 241 -4.08 3.86 -5.49
N GLN A 242 -3.70 2.74 -4.89
CA GLN A 242 -4.31 1.46 -5.32
C GLN A 242 -5.85 1.46 -5.12
N LEU A 243 -6.30 1.95 -3.97
CA LEU A 243 -7.75 1.94 -3.69
C LEU A 243 -8.54 2.86 -4.64
N THR A 244 -7.95 4.04 -4.92
CA THR A 244 -8.54 4.89 -5.96
C THR A 244 -8.65 4.17 -7.32
N ARG A 245 -7.54 3.57 -7.76
CA ARG A 245 -7.57 2.86 -9.04
C ARG A 245 -8.58 1.70 -9.05
N ASP A 246 -8.59 0.92 -7.99
CA ASP A 246 -9.55 -0.19 -7.91
C ASP A 246 -11.00 0.29 -7.99
N ALA A 247 -11.32 1.38 -7.31
CA ALA A 247 -12.65 1.89 -7.36
C ALA A 247 -12.94 2.39 -8.76
N LEU A 248 -12.00 3.13 -9.36
CA LEU A 248 -12.29 3.71 -10.65
C LEU A 248 -12.41 2.62 -11.75
N ASN A 249 -11.72 1.52 -11.53
CA ASN A 249 -11.72 0.36 -12.43
C ASN A 249 -12.78 -0.70 -12.14
N GLY A 250 -13.65 -0.42 -11.17
CA GLY A 250 -14.70 -1.29 -10.77
C GLY A 250 -14.31 -2.51 -9.97
N LYS A 251 -13.12 -2.49 -9.37
CA LYS A 251 -12.64 -3.60 -8.51
C LYS A 251 -12.90 -3.35 -7.04
N ALA A 252 -13.60 -2.26 -6.73
CA ALA A 252 -13.95 -1.95 -5.34
C ALA A 252 -15.18 -1.07 -5.41
N SER A 253 -16.07 -1.26 -4.47
CA SER A 253 -17.19 -0.32 -4.32
C SER A 253 -16.70 1.10 -3.96
N PHE A 254 -17.39 2.13 -4.50
CA PHE A 254 -17.19 3.53 -4.01
C PHE A 254 -17.66 3.76 -2.57
N ASP A 255 -18.48 2.85 -2.08
CA ASP A 255 -18.94 2.98 -0.70
C ASP A 255 -17.96 2.34 0.24
N ASN A 256 -16.92 3.09 0.56
CA ASN A 256 -15.78 2.61 1.32
C ASN A 256 -15.40 3.71 2.33
N GLN A 257 -14.83 3.32 3.45
CA GLN A 257 -14.70 4.29 4.56
C GLN A 257 -13.68 5.37 4.20
N ALA A 258 -12.65 5.02 3.42
CA ALA A 258 -11.70 6.05 3.03
C ALA A 258 -12.31 7.13 2.19
N PHE A 259 -13.21 6.76 1.27
CA PHE A 259 -13.88 7.79 0.44
C PHE A 259 -14.90 8.59 1.25
N THR A 260 -15.54 7.94 2.23
CA THR A 260 -16.46 8.68 3.10
C THR A 260 -15.68 9.61 4.02
N ASP A 261 -14.59 9.12 4.57
CA ASP A 261 -13.70 9.97 5.38
C ASP A 261 -13.20 11.16 4.57
N ALA A 262 -12.82 10.93 3.31
CA ALA A 262 -12.43 12.06 2.44
C ALA A 262 -13.54 13.14 2.28
N ALA A 263 -14.78 12.68 2.12
CA ALA A 263 -15.92 13.56 1.98
C ALA A 263 -16.08 14.38 3.26
N GLN A 264 -15.98 13.73 4.41
CA GLN A 264 -16.02 14.47 5.63
C GLN A 264 -14.93 15.52 5.74
N LYS A 265 -13.67 15.16 5.40
CA LYS A 265 -12.54 16.14 5.45
C LYS A 265 -12.75 17.33 4.49
N LEU A 266 -13.34 17.06 3.34
CA LEU A 266 -13.68 18.16 2.39
C LEU A 266 -14.70 19.08 3.11
N GLN A 267 -15.67 18.48 3.75
CA GLN A 267 -16.71 19.36 4.41
C GLN A 267 -16.12 20.06 5.65
N ASP A 268 -15.09 19.47 6.27
CA ASP A 268 -14.33 20.05 7.41
C ASP A 268 -13.67 21.32 6.90
N MSE A 269 -13.12 21.28 5.65
CA MSE A 269 -12.62 22.52 5.04
C MSE A 269 -13.73 23.50 4.90
O MSE A 269 -13.50 24.63 5.23
CB MSE A 269 -11.98 22.26 3.68
CG MSE A 269 -10.83 21.29 3.88
SE MSE A 269 -9.86 21.07 2.17
CE MSE A 269 -9.12 22.92 2.03
N VAL A 270 -14.88 23.16 4.34
CA VAL A 270 -15.93 24.13 4.17
C VAL A 270 -16.35 24.74 5.51
N ASN A 271 -16.57 23.85 6.48
CA ASN A 271 -17.09 24.30 7.77
C ASN A 271 -16.11 25.21 8.50
N ALA A 272 -14.79 25.01 8.28
CA ALA A 272 -13.76 25.88 8.88
C ALA A 272 -13.66 27.25 8.20
N GLY A 273 -14.37 27.45 7.07
CA GLY A 273 -14.46 28.74 6.39
C GLY A 273 -13.30 28.88 5.38
N ALA A 274 -12.94 27.77 4.74
CA ALA A 274 -11.83 27.78 3.79
C ALA A 274 -12.11 28.59 2.55
N PHE A 275 -13.38 28.71 2.16
CA PHE A 275 -13.74 29.35 0.88
C PHE A 275 -14.59 30.57 1.13
N ASP A 276 -14.48 31.51 0.20
CA ASP A 276 -15.35 32.70 0.21
C ASP A 276 -16.81 32.32 0.05
N SER A 277 -17.72 33.06 0.70
CA SER A 277 -19.14 32.77 0.62
C SER A 277 -19.65 32.44 -0.76
N GLY A 278 -19.25 33.17 -1.80
CA GLY A 278 -19.82 32.94 -3.16
C GLY A 278 -19.03 31.99 -4.09
N PHE A 279 -18.23 31.13 -3.50
CA PHE A 279 -17.31 30.30 -4.29
C PHE A 279 -17.96 29.37 -5.26
N MET A 280 -19.21 28.97 -4.98
CA MET A 280 -19.90 28.02 -5.88
CA MET A 280 -19.87 28.02 -5.89
C MET A 280 -20.31 28.71 -7.17
N GLY A 281 -20.37 30.03 -7.12
CA GLY A 281 -20.74 30.84 -8.27
C GLY A 281 -19.59 31.19 -9.17
N LEU A 282 -18.34 30.96 -8.74
CA LEU A 282 -17.14 31.42 -9.49
C LEU A 282 -16.51 30.31 -10.33
N THR A 283 -15.95 30.71 -11.50
CA THR A 283 -15.25 29.84 -12.39
C THR A 283 -13.79 29.72 -11.90
N ARG A 284 -13.10 28.76 -12.46
CA ARG A 284 -11.63 28.65 -12.28
C ARG A 284 -10.96 29.93 -12.59
N ASP A 285 -11.24 30.50 -13.77
CA ASP A 285 -10.62 31.78 -14.13
C ASP A 285 -10.86 32.91 -13.13
N GLU A 286 -12.07 32.95 -12.57
CA GLU A 286 -12.30 33.97 -11.57
C GLU A 286 -11.53 33.72 -10.28
N ALA A 287 -11.37 32.46 -9.96
CA ALA A 287 -10.58 32.13 -8.75
C ALA A 287 -9.09 32.37 -8.94
N THR A 288 -8.55 32.05 -10.15
CA THR A 288 -7.10 32.37 -10.38
C THR A 288 -6.90 33.89 -10.37
N ALA A 289 -7.87 34.64 -10.86
CA ALA A 289 -7.79 36.13 -10.71
C ALA A 289 -7.81 36.61 -9.26
N GLU A 290 -8.67 36.04 -8.44
CA GLU A 290 -8.64 36.28 -7.02
C GLU A 290 -7.27 36.03 -6.40
N PHE A 291 -6.67 34.90 -6.75
CA PHE A 291 -5.38 34.53 -6.16
C PHE A 291 -4.26 35.37 -6.71
N ASN A 292 -4.28 35.69 -8.00
CA ASN A 292 -3.18 36.50 -8.56
C ASN A 292 -3.25 37.99 -8.20
N GLN A 293 -4.36 38.38 -7.58
CA GLN A 293 -4.50 39.76 -7.06
C GLN A 293 -4.15 39.83 -5.62
N GLY A 294 -3.80 38.69 -5.05
CA GLY A 294 -3.30 38.63 -3.68
C GLY A 294 -4.46 38.55 -2.69
N LYS A 295 -5.64 38.14 -3.14
CA LYS A 295 -6.86 38.11 -2.29
C LYS A 295 -7.18 36.75 -1.64
N ALA A 296 -6.20 35.85 -1.59
CA ALA A 296 -6.40 34.60 -0.84
C ALA A 296 -5.01 34.03 -0.52
N ALA A 297 -4.91 33.35 0.62
CA ALA A 297 -3.65 32.81 1.10
C ALA A 297 -3.15 31.61 0.25
N MSE A 298 -4.07 30.80 -0.29
CA MSE A 298 -3.74 29.51 -0.92
C MSE A 298 -4.64 29.25 -2.11
O MSE A 298 -5.73 29.81 -2.29
CB MSE A 298 -3.99 28.41 0.11
CG MSE A 298 -2.98 28.52 1.26
SE MSE A 298 -3.29 27.06 2.58
CE MSE A 298 -4.81 27.90 3.53
N TYR A 299 -4.17 28.38 -2.98
CA TYR A 299 -4.97 27.97 -4.11
C TYR A 299 -4.57 26.48 -4.31
N PHE A 300 -5.49 25.62 -4.62
CA PHE A 300 -5.12 24.21 -4.86
C PHE A 300 -5.74 23.73 -6.18
N GLY A 301 -4.88 23.16 -7.03
CA GLY A 301 -5.41 22.54 -8.25
C GLY A 301 -4.30 22.11 -9.16
N GLY A 302 -4.52 22.27 -10.48
CA GLY A 302 -3.52 21.76 -11.36
C GLY A 302 -2.33 22.71 -11.46
N ASN A 303 -1.19 22.12 -11.79
CA ASN A 303 0.03 22.85 -12.16
C ASN A 303 -0.23 23.79 -13.33
N PHE A 304 -1.28 23.53 -14.13
CA PHE A 304 -1.57 24.34 -15.32
C PHE A 304 -1.99 25.76 -15.00
N ASP A 305 -2.48 25.93 -13.77
CA ASP A 305 -2.88 27.22 -13.23
C ASP A 305 -1.70 28.13 -12.88
N ALA A 306 -0.51 27.55 -12.82
CA ALA A 306 0.66 28.31 -12.45
C ALA A 306 0.82 29.53 -13.32
N ALA A 307 0.61 29.39 -14.64
CA ALA A 307 0.66 30.56 -15.47
C ALA A 307 -0.14 31.74 -15.05
N ALA A 308 -1.36 31.51 -14.55
CA ALA A 308 -2.20 32.64 -14.12
C ALA A 308 -1.48 33.45 -13.04
N PHE A 309 -0.50 32.87 -12.38
CA PHE A 309 0.18 33.56 -11.24
C PHE A 309 1.53 34.18 -11.58
N VAL A 310 2.27 33.55 -12.50
CA VAL A 310 3.64 34.02 -12.85
C VAL A 310 3.82 34.52 -14.28
N SER A 311 2.82 34.29 -15.12
CA SER A 311 2.92 34.68 -16.54
C SER A 311 1.85 35.65 -17.04
N ASP A 312 0.69 35.64 -16.40
CA ASP A 312 -0.40 36.52 -16.74
C ASP A 312 0.08 37.92 -16.36
N PRO A 313 -0.02 38.88 -17.30
CA PRO A 313 0.52 40.20 -17.04
C PRO A 313 -0.27 40.99 -16.00
N SER A 314 -1.49 40.55 -15.69
CA SER A 314 -2.32 41.17 -14.63
C SER A 314 -1.87 40.79 -13.25
N SER A 315 -1.13 39.68 -13.15
CA SER A 315 -0.80 39.15 -11.81
C SER A 315 -0.02 40.13 -10.93
N LEU A 316 -0.42 40.20 -9.66
CA LEU A 316 0.28 40.96 -8.62
C LEU A 316 1.11 40.09 -7.73
N VAL A 317 1.19 38.80 -8.05
CA VAL A 317 1.90 37.86 -7.12
C VAL A 317 3.13 37.15 -7.70
N LYS A 318 3.62 37.61 -8.86
CA LYS A 318 4.80 36.99 -9.41
C LYS A 318 5.92 37.09 -8.38
N GLY A 319 6.61 35.98 -8.14
CA GLY A 319 7.69 35.94 -7.13
C GLY A 319 7.24 35.86 -5.69
N LYS A 320 5.93 35.80 -5.45
CA LYS A 320 5.38 35.67 -4.10
C LYS A 320 4.78 34.31 -3.86
N ILE A 321 4.72 33.50 -4.91
CA ILE A 321 4.01 32.19 -4.84
C ILE A 321 4.99 31.00 -4.75
N GLU A 322 4.74 30.08 -3.83
CA GLU A 322 5.45 28.86 -3.63
C GLU A 322 4.51 27.68 -3.95
N ALA A 323 5.08 26.62 -4.49
CA ALA A 323 4.30 25.40 -4.75
C ALA A 323 4.80 24.35 -3.78
N VAL A 324 3.86 23.69 -3.12
CA VAL A 324 4.12 22.54 -2.20
C VAL A 324 3.13 21.41 -2.42
N ARG A 325 3.45 20.23 -1.87
CA ARG A 325 2.57 19.08 -1.95
C ARG A 325 1.34 19.32 -1.09
N PHE A 326 0.22 18.69 -1.44
CA PHE A 326 -0.90 18.72 -0.48
C PHE A 326 -0.51 18.02 0.83
N PRO A 327 -0.99 18.52 1.97
CA PRO A 327 -0.57 17.93 3.28
C PRO A 327 -0.94 16.47 3.44
N THR A 328 -0.28 15.83 4.42
CA THR A 328 -0.56 14.46 4.81
C THR A 328 -1.79 14.45 5.69
N ILE A 329 -2.46 13.29 5.82
CA ILE A 329 -3.59 13.16 6.72
C ILE A 329 -3.33 12.04 7.73
N GLU A 330 -3.44 12.35 9.02
CA GLU A 330 -3.05 11.40 10.09
C GLU A 330 -3.95 10.18 9.98
N GLY A 331 -3.33 9.02 9.96
CA GLY A 331 -4.10 7.79 9.80
C GLY A 331 -4.43 7.43 8.34
N GLY A 332 -4.22 8.36 7.42
CA GLY A 332 -4.36 8.09 5.99
C GLY A 332 -3.47 6.96 5.51
N LYS A 333 -3.94 6.20 4.54
CA LYS A 333 -3.16 5.08 4.02
C LYS A 333 -2.30 5.45 2.84
N GLY A 334 -2.51 6.67 2.32
CA GLY A 334 -1.78 7.11 1.13
C GLY A 334 -0.34 7.50 1.46
N ASP A 335 0.52 7.31 0.47
CA ASP A 335 1.88 7.75 0.56
C ASP A 335 1.89 9.30 0.39
N PRO A 336 2.70 10.03 1.20
CA PRO A 336 2.66 11.49 1.16
C PRO A 336 3.12 12.08 -0.16
N THR A 337 3.86 11.29 -0.99
CA THR A 337 4.35 11.81 -2.28
C THR A 337 3.40 11.56 -3.49
N GLU A 338 2.31 10.80 -3.28
CA GLU A 338 1.39 10.52 -4.37
C GLU A 338 0.77 11.80 -4.84
N TYR A 339 0.52 11.91 -6.13
CA TYR A 339 -0.22 13.10 -6.61
C TYR A 339 -1.36 12.78 -7.61
N ILE A 340 -2.26 13.75 -7.75
CA ILE A 340 -3.28 13.71 -8.83
C ILE A 340 -2.64 14.32 -10.08
N GLY A 341 -2.56 13.52 -11.12
CA GLY A 341 -2.06 13.99 -12.39
C GLY A 341 -1.65 12.82 -13.27
N GLY A 342 -0.64 13.08 -14.10
CA GLY A 342 -0.08 12.04 -15.02
C GLY A 342 0.03 12.69 -16.41
N THR A 343 0.46 11.89 -17.38
CA THR A 343 0.63 12.49 -18.74
C THR A 343 -0.69 12.38 -19.43
N VAL A 344 -1.44 13.48 -19.44
CA VAL A 344 -2.81 13.40 -19.91
C VAL A 344 -3.15 14.46 -20.98
N GLY A 345 -2.29 15.45 -21.22
CA GLY A 345 -2.54 16.45 -22.34
C GLY A 345 -2.07 15.76 -23.65
N ALA A 346 -2.92 15.66 -24.67
CA ALA A 346 -2.53 15.04 -25.96
C ALA A 346 -3.22 15.74 -27.15
N LEU A 347 -2.57 15.61 -28.28
CA LEU A 347 -3.27 15.92 -29.56
C LEU A 347 -3.66 14.65 -30.24
N MSE A 348 -4.91 14.62 -30.79
CA MSE A 348 -5.31 13.52 -31.58
C MSE A 348 -5.64 13.98 -32.98
O MSE A 348 -6.03 15.12 -33.23
CB MSE A 348 -6.48 12.77 -30.92
CG MSE A 348 -6.08 11.98 -29.70
SE MSE A 348 -7.60 11.10 -28.86
CE MSE A 348 -6.56 10.13 -27.49
N VAL A 349 -5.57 13.02 -33.91
CA VAL A 349 -5.97 13.26 -35.29
C VAL A 349 -7.28 12.50 -35.61
N SER A 350 -8.18 13.17 -36.32
CA SER A 350 -9.48 12.55 -36.63
C SER A 350 -9.32 11.44 -37.65
N ALA A 351 -10.00 10.29 -37.42
CA ALA A 351 -9.93 9.14 -38.31
C ALA A 351 -10.48 9.50 -39.72
N ASN A 352 -11.41 10.44 -39.76
CA ASN A 352 -11.98 10.87 -41.03
C ASN A 352 -11.27 12.09 -41.68
N SER A 353 -10.07 12.44 -41.25
CA SER A 353 -9.33 13.56 -41.86
C SER A 353 -8.98 13.19 -43.28
N LYS A 354 -9.12 14.18 -44.15
CA LYS A 354 -8.82 13.90 -45.56
C LYS A 354 -7.32 13.88 -45.82
N TYR A 355 -6.54 14.43 -44.89
CA TYR A 355 -5.09 14.66 -45.03
C TYR A 355 -4.35 14.07 -43.83
N LYS A 356 -4.48 12.76 -43.65
CA LYS A 356 -3.91 12.03 -42.51
C LYS A 356 -2.42 12.22 -42.31
N ASP A 357 -1.62 11.98 -43.36
CA ASP A 357 -0.20 12.15 -43.20
C ASP A 357 0.21 13.60 -42.82
N GLU A 358 -0.42 14.62 -43.46
CA GLU A 358 -0.07 16.00 -43.13
C GLU A 358 -0.54 16.34 -41.74
N ALA A 359 -1.69 15.79 -41.40
CA ALA A 359 -2.25 16.12 -40.09
C ALA A 359 -1.36 15.51 -38.99
N VAL A 360 -0.83 14.31 -39.19
CA VAL A 360 0.08 13.73 -38.12
C VAL A 360 1.40 14.51 -38.08
N ARG A 361 1.94 14.89 -39.24
CA ARG A 361 3.15 15.70 -39.24
C ARG A 361 2.96 16.99 -38.47
N ALA A 362 1.82 17.64 -38.69
CA ALA A 362 1.50 18.87 -38.01
C ALA A 362 1.28 18.65 -36.51
N ALA A 363 0.61 17.54 -36.18
CA ALA A 363 0.35 17.21 -34.74
C ALA A 363 1.71 16.98 -34.01
N LYS A 364 2.67 16.31 -34.68
CA LYS A 364 3.99 16.14 -34.05
C LYS A 364 4.66 17.45 -33.76
N TYR A 365 4.61 18.36 -34.74
CA TYR A 365 5.17 19.68 -34.58
C TYR A 365 4.43 20.47 -33.48
N LEU A 366 3.11 20.50 -33.54
CA LEU A 366 2.33 21.22 -32.52
C LEU A 366 2.60 20.73 -31.08
N ALA A 367 2.60 19.41 -30.89
CA ALA A 367 2.79 18.81 -29.57
C ALA A 367 4.12 19.26 -28.94
N LYS A 368 5.21 19.18 -29.71
CA LYS A 368 6.54 19.58 -29.17
C LYS A 368 6.53 21.05 -28.86
N GLN A 369 5.96 21.87 -29.78
CA GLN A 369 5.97 23.33 -29.51
C GLN A 369 5.08 23.68 -28.30
N LEU A 370 3.97 22.99 -28.12
CA LEU A 370 3.10 23.22 -26.94
C LEU A 370 3.80 22.81 -25.67
N SER A 371 4.50 21.68 -25.72
CA SER A 371 5.24 21.20 -24.57
C SER A 371 6.31 22.18 -24.12
N ASP A 372 7.16 22.63 -25.05
CA ASP A 372 8.15 23.70 -24.75
C ASP A 372 7.48 24.97 -24.24
N MET A 373 6.36 25.40 -24.84
CA MET A 373 5.66 26.62 -24.43
C MET A 373 5.19 26.40 -22.98
N ASP A 374 4.60 25.26 -22.70
CA ASP A 374 4.07 24.95 -21.36
C ASP A 374 5.16 25.11 -20.32
N TYR A 375 6.34 24.62 -20.68
CA TYR A 375 7.47 24.63 -19.72
C TYR A 375 7.92 26.07 -19.51
N LEU A 376 7.99 26.83 -20.60
CA LEU A 376 8.43 28.24 -20.48
C LEU A 376 7.47 29.16 -19.82
N ILE A 377 6.16 29.01 -20.06
CA ILE A 377 5.21 29.94 -19.43
C ILE A 377 4.40 29.38 -18.22
N ALA A 378 4.67 28.11 -17.86
CA ALA A 378 4.05 27.42 -16.74
C ALA A 378 2.55 27.17 -16.91
N THR A 379 2.11 26.96 -18.15
CA THR A 379 0.75 26.52 -18.40
C THR A 379 0.69 24.99 -18.41
N GLY A 380 1.82 24.32 -18.25
CA GLY A 380 1.77 22.85 -18.14
C GLY A 380 3.13 22.29 -17.83
N LEU A 381 3.21 20.97 -17.55
CA LEU A 381 4.51 20.30 -17.33
C LEU A 381 4.82 19.56 -18.63
N PRO A 382 6.01 19.76 -19.21
CA PRO A 382 6.25 19.26 -20.56
C PRO A 382 6.25 17.67 -20.57
N ALA A 383 5.76 17.10 -21.65
CA ALA A 383 5.87 15.64 -21.89
C ALA A 383 7.06 15.40 -22.86
N TRP A 384 7.45 16.41 -23.65
CA TRP A 384 8.59 16.26 -24.57
C TRP A 384 9.86 16.63 -23.84
N LYS A 385 10.96 15.96 -24.17
CA LYS A 385 12.25 16.39 -23.67
C LYS A 385 12.48 17.88 -23.95
N TYR A 386 13.30 18.52 -23.14
CA TYR A 386 13.45 19.96 -23.16
C TYR A 386 14.89 20.42 -23.03
N ASP A 387 15.81 19.59 -23.51
CA ASP A 387 17.27 19.90 -23.57
C ASP A 387 17.55 21.13 -24.46
N ASN A 388 16.71 21.35 -25.46
CA ASN A 388 16.79 22.60 -26.30
C ASN A 388 16.43 23.91 -25.56
N ILE A 389 15.80 23.79 -24.40
CA ILE A 389 15.36 24.97 -23.66
C ILE A 389 16.37 25.33 -22.57
N ASP A 390 16.58 26.63 -22.40
CA ASP A 390 17.48 27.17 -21.39
C ASP A 390 16.77 27.39 -20.04
N GLN A 391 17.27 26.70 -19.05
CA GLN A 391 16.66 26.65 -17.78
C GLN A 391 16.48 28.02 -17.11
N SER A 392 17.39 28.94 -17.37
CA SER A 392 17.28 30.29 -16.83
C SER A 392 16.09 31.10 -17.38
N LYS A 393 15.43 30.61 -18.42
CA LYS A 393 14.30 31.31 -18.97
C LYS A 393 13.01 30.71 -18.41
N VAL A 394 13.11 29.69 -17.58
CA VAL A 394 11.91 29.04 -17.05
C VAL A 394 11.50 29.61 -15.68
N ASP A 395 10.22 29.67 -15.39
CA ASP A 395 9.88 30.27 -14.12
C ASP A 395 10.27 29.39 -12.91
N PRO A 396 10.82 30.01 -11.85
CA PRO A 396 11.10 29.27 -10.64
C PRO A 396 9.91 28.46 -10.13
N LEU A 397 8.68 28.97 -10.32
CA LEU A 397 7.51 28.19 -9.81
C LEU A 397 7.35 26.87 -10.57
N GLU A 398 7.65 26.89 -11.88
CA GLU A 398 7.49 25.68 -12.69
C GLU A 398 8.54 24.66 -12.24
N ILE A 399 9.74 25.16 -11.97
CA ILE A 399 10.83 24.30 -11.50
C ILE A 399 10.48 23.75 -10.12
N GLN A 400 10.00 24.62 -9.27
CA GLN A 400 9.51 24.19 -7.97
C GLN A 400 8.41 23.12 -8.02
N ILE A 401 7.45 23.27 -8.96
CA ILE A 401 6.45 22.19 -9.12
C ILE A 401 7.15 20.86 -9.39
N MET A 402 8.12 20.87 -10.28
CA MET A 402 8.91 19.65 -10.60
C MET A 402 9.59 19.15 -9.35
N ASN A 403 10.23 20.05 -8.62
CA ASN A 403 11.01 19.64 -7.46
C ASN A 403 10.21 19.21 -6.27
N ASN A 404 9.22 20.03 -5.90
CA ASN A 404 8.41 19.71 -4.74
C ASN A 404 7.30 18.65 -4.91
N ILE A 405 6.75 18.51 -6.12
CA ILE A 405 5.65 17.60 -6.31
C ILE A 405 6.03 16.36 -7.14
N VAL A 406 6.62 16.58 -8.32
CA VAL A 406 6.81 15.49 -9.28
C VAL A 406 7.99 14.59 -8.95
N ALA A 407 9.16 15.19 -8.71
CA ALA A 407 10.40 14.44 -8.47
C ALA A 407 10.20 13.38 -7.37
N ASN A 408 10.63 12.16 -7.64
CA ASN A 408 10.64 11.06 -6.66
C ASN A 408 9.26 10.65 -6.11
N ALA A 409 8.19 11.11 -6.77
CA ALA A 409 6.86 10.75 -6.33
C ALA A 409 6.68 9.21 -6.43
N LYS A 410 5.95 8.62 -5.51
CA LYS A 410 5.72 7.17 -5.49
C LYS A 410 4.67 6.71 -6.55
N GLY A 411 3.68 7.55 -6.86
CA GLY A 411 2.66 7.14 -7.84
C GLY A 411 1.69 8.29 -8.05
N SER A 412 0.79 8.10 -8.98
CA SER A 412 -0.11 9.21 -9.35
C SER A 412 -1.31 8.59 -10.01
N VAL A 413 -2.40 9.37 -10.07
CA VAL A 413 -3.62 8.94 -10.78
C VAL A 413 -4.26 10.22 -11.30
N PRO A 414 -4.81 10.20 -12.52
CA PRO A 414 -5.42 11.40 -13.14
C PRO A 414 -6.65 11.84 -12.37
N ALA A 415 -6.99 13.12 -12.49
CA ALA A 415 -8.25 13.59 -11.86
C ALA A 415 -9.41 12.74 -12.33
N TRP A 416 -10.40 12.50 -11.47
CA TRP A 416 -11.32 11.44 -11.74
C TRP A 416 -12.18 11.73 -12.96
N ASP A 417 -12.41 13.00 -13.30
CA ASP A 417 -13.25 13.30 -14.49
C ASP A 417 -12.50 13.18 -15.84
N ILE A 418 -11.21 12.83 -15.79
CA ILE A 418 -10.45 12.45 -16.96
C ILE A 418 -10.29 10.91 -16.94
N TYR A 419 -10.31 10.32 -15.78
CA TYR A 419 -10.07 8.89 -15.70
C TYR A 419 -11.40 8.19 -15.98
N LEU A 420 -12.49 8.61 -15.32
CA LEU A 420 -13.85 8.16 -15.66
C LEU A 420 -14.30 8.76 -17.02
N SER A 421 -15.42 8.31 -17.61
CA SER A 421 -15.90 9.02 -18.81
C SER A 421 -17.31 9.35 -18.61
N GLY A 422 -17.81 10.24 -19.44
CA GLY A 422 -19.24 10.48 -19.56
C GLY A 422 -20.03 10.63 -18.27
N ASP A 423 -21.05 9.78 -18.15
CA ASP A 423 -22.04 9.99 -17.06
C ASP A 423 -21.33 9.78 -15.72
N ALA A 424 -20.40 8.83 -15.64
CA ALA A 424 -19.74 8.56 -14.34
C ALA A 424 -18.94 9.77 -13.86
N ALA A 425 -18.22 10.39 -14.77
CA ALA A 425 -17.44 11.59 -14.43
C ALA A 425 -18.40 12.67 -13.98
N GLN A 426 -19.53 12.83 -14.68
CA GLN A 426 -20.44 13.86 -14.37
C GLN A 426 -21.07 13.63 -12.99
N THR A 427 -21.39 12.34 -12.71
CA THR A 427 -21.97 11.98 -11.40
C THR A 427 -21.02 12.43 -10.27
N HIS A 428 -19.73 12.08 -10.40
CA HIS A 428 -18.74 12.47 -9.36
C HIS A 428 -18.62 13.96 -9.23
N LYS A 429 -18.54 14.71 -10.35
CA LYS A 429 -18.45 16.19 -10.29
C LYS A 429 -19.71 16.75 -9.56
N ASP A 430 -20.91 16.24 -9.90
CA ASP A 430 -22.12 16.82 -9.30
C ASP A 430 -22.25 16.42 -7.79
N LEU A 431 -21.85 15.22 -7.43
CA LEU A 431 -21.96 14.74 -6.02
C LEU A 431 -20.92 15.45 -5.15
N VAL A 432 -19.72 15.69 -5.69
CA VAL A 432 -18.74 16.54 -5.01
C VAL A 432 -19.26 17.96 -4.85
N ALA A 433 -19.96 18.47 -5.87
CA ALA A 433 -20.49 19.83 -5.75
C ALA A 433 -21.56 19.87 -4.57
N GLN A 434 -22.39 18.83 -4.47
CA GLN A 434 -23.28 18.70 -3.26
C GLN A 434 -22.53 18.65 -1.98
N LEU A 435 -21.36 17.98 -1.91
CA LEU A 435 -20.55 18.00 -0.65
C LEU A 435 -20.18 19.46 -0.26
N PHE A 436 -19.65 20.19 -1.25
CA PHE A 436 -19.26 21.61 -1.02
C PHE A 436 -20.45 22.47 -0.54
N ALA A 437 -21.63 22.14 -1.03
CA ALA A 437 -22.81 22.98 -0.81
C ALA A 437 -23.48 22.55 0.50
N LYS A 438 -22.91 21.53 1.14
CA LYS A 438 -23.53 20.92 2.39
C LYS A 438 -24.95 20.48 2.04
N GLN A 439 -25.11 19.87 0.87
CA GLN A 439 -26.46 19.38 0.41
C GLN A 439 -26.45 17.86 0.41
N ILE A 440 -25.41 17.28 0.99
CA ILE A 440 -25.34 15.78 1.11
C ILE A 440 -24.41 15.48 2.26
N THR A 441 -24.64 14.34 2.93
CA THR A 441 -23.79 13.89 3.99
C THR A 441 -22.66 13.04 3.35
N PRO A 442 -21.51 12.88 4.05
CA PRO A 442 -20.42 12.01 3.52
C PRO A 442 -20.96 10.60 3.25
N GLU A 443 -21.84 10.13 4.17
CA GLU A 443 -22.34 8.77 4.04
C GLU A 443 -23.24 8.59 2.81
N GLU A 444 -24.12 9.55 2.54
CA GLU A 444 -24.97 9.52 1.39
C GLU A 444 -24.24 9.81 0.11
N TYR A 445 -23.25 10.66 0.21
CA TYR A 445 -22.31 10.80 -0.97
C TYR A 445 -21.76 9.47 -1.45
N SER A 446 -21.21 8.69 -0.52
CA SER A 446 -20.58 7.40 -0.91
C SER A 446 -21.62 6.36 -1.32
N LYS A 447 -22.75 6.28 -0.62
CA LYS A 447 -23.85 5.42 -1.16
C LYS A 447 -24.28 5.80 -2.55
N GLN A 448 -24.48 7.11 -2.81
CA GLN A 448 -24.93 7.55 -4.11
C GLN A 448 -23.88 7.37 -5.19
N MSE A 449 -22.66 7.57 -4.86
CA MSE A 449 -21.60 7.28 -5.86
C MSE A 449 -21.68 5.83 -6.27
O MSE A 449 -21.74 5.58 -7.49
CB MSE A 449 -20.21 7.48 -5.23
CG MSE A 449 -19.70 8.91 -5.10
SE MSE A 449 -19.30 9.78 -6.86
CE MSE A 449 -17.59 8.86 -7.22
N GLN A 450 -21.67 4.92 -5.32
CA GLN A 450 -21.75 3.49 -5.70
C GLN A 450 -23.03 3.20 -6.50
N GLN A 451 -24.18 3.72 -6.05
CA GLN A 451 -25.43 3.34 -6.68
C GLN A 451 -25.57 3.95 -8.09
N LYS A 452 -25.18 5.22 -8.22
CA LYS A 452 -25.31 5.89 -9.50
C LYS A 452 -24.29 5.44 -10.53
N ILE A 453 -23.09 5.12 -10.11
CA ILE A 453 -22.09 4.67 -11.06
C ILE A 453 -22.25 3.15 -11.32
N ASN A 454 -22.41 2.38 -10.25
CA ASN A 454 -22.32 0.94 -10.41
C ASN A 454 -23.69 0.27 -10.13
N ILE B 39 -33.07 -30.82 -0.50
CA ILE B 39 -32.42 -30.14 -1.66
C ILE B 39 -31.03 -30.77 -1.83
N THR B 40 -30.59 -30.91 -3.09
CA THR B 40 -29.24 -31.30 -3.33
C THR B 40 -28.55 -30.22 -4.21
N LEU B 41 -27.40 -29.72 -3.74
CA LEU B 41 -26.60 -28.76 -4.48
C LEU B 41 -25.47 -29.49 -5.15
N THR B 42 -25.11 -29.05 -6.37
CA THR B 42 -23.90 -29.59 -6.98
C THR B 42 -22.71 -28.62 -6.77
N PHE B 43 -21.52 -29.18 -6.62
CA PHE B 43 -20.27 -28.42 -6.36
C PHE B 43 -19.14 -29.00 -7.19
N TRP B 44 -18.53 -28.21 -8.08
CA TRP B 44 -17.40 -28.71 -8.87
C TRP B 44 -16.08 -28.14 -8.40
N ASN B 45 -15.07 -29.00 -8.33
CA ASN B 45 -13.74 -28.49 -7.92
C ASN B 45 -12.62 -29.33 -8.57
N LEU B 46 -11.37 -28.94 -8.40
CA LEU B 46 -10.30 -29.61 -9.06
C LEU B 46 -9.35 -30.30 -8.15
N PHE B 47 -9.74 -30.49 -6.87
CA PHE B 47 -8.81 -31.10 -5.91
C PHE B 47 -8.75 -32.61 -6.10
N THR B 48 -7.95 -33.02 -7.09
CA THR B 48 -7.84 -34.43 -7.49
C THR B 48 -6.77 -35.26 -6.72
N GLY B 49 -5.68 -34.62 -6.30
CA GLY B 49 -4.62 -35.31 -5.60
C GLY B 49 -4.81 -35.47 -4.11
N GLU B 50 -4.03 -36.36 -3.52
CA GLU B 50 -4.08 -36.57 -2.09
C GLU B 50 -3.04 -35.71 -1.36
N PRO B 51 -3.34 -35.26 -0.13
CA PRO B 51 -4.51 -35.61 0.64
C PRO B 51 -5.71 -34.69 0.42
N ALA B 52 -5.60 -33.73 -0.50
CA ALA B 52 -6.71 -32.79 -0.68
C ALA B 52 -8.03 -33.50 -1.04
N LYS B 53 -7.97 -34.54 -1.88
CA LYS B 53 -9.22 -35.13 -2.36
C LYS B 53 -9.95 -35.68 -1.12
N THR B 54 -9.19 -36.29 -0.21
CA THR B 54 -9.82 -36.90 1.00
C THR B 54 -10.35 -35.80 1.93
N LYS B 55 -9.53 -34.74 2.10
CA LYS B 55 -9.91 -33.59 2.93
C LYS B 55 -11.17 -32.89 2.46
N VAL B 56 -11.25 -32.63 1.15
CA VAL B 56 -12.47 -32.03 0.58
C VAL B 56 -13.71 -32.90 0.79
N LYS B 57 -13.58 -34.21 0.58
CA LYS B 57 -14.70 -35.08 0.80
C LYS B 57 -15.15 -34.96 2.26
N GLU B 58 -14.19 -34.83 3.18
CA GLU B 58 -14.47 -34.85 4.65
C GLU B 58 -15.18 -33.56 4.98
N ILE B 59 -14.78 -32.50 4.28
CA ILE B 59 -15.42 -31.15 4.48
C ILE B 59 -16.85 -31.26 4.02
N ILE B 60 -17.08 -31.89 2.88
CA ILE B 60 -18.45 -32.08 2.37
C ILE B 60 -19.27 -33.04 3.28
N ASP B 61 -18.60 -34.09 3.75
CA ASP B 61 -19.33 -35.03 4.57
C ASP B 61 -19.83 -34.30 5.84
N GLN B 62 -19.02 -33.42 6.37
CA GLN B 62 -19.38 -32.69 7.62
C GLN B 62 -20.54 -31.74 7.33
N TRP B 63 -20.51 -31.04 6.19
CA TRP B 63 -21.64 -30.27 5.81
C TRP B 63 -22.89 -31.07 5.72
N ASN B 64 -22.78 -32.25 5.10
CA ASN B 64 -23.96 -33.07 4.82
C ASN B 64 -24.58 -33.59 6.07
N LYS B 65 -23.73 -33.82 7.09
CA LYS B 65 -24.18 -34.29 8.44
C LYS B 65 -24.91 -33.17 9.19
N GLU B 66 -24.40 -31.95 9.02
CA GLU B 66 -24.95 -30.76 9.69
C GLU B 66 -26.04 -30.07 8.94
N ASN B 67 -26.41 -30.56 7.75
CA ASN B 67 -27.45 -29.98 6.95
C ASN B 67 -28.27 -31.06 6.25
N PRO B 68 -29.01 -31.86 7.05
CA PRO B 68 -29.77 -32.94 6.44
C PRO B 68 -30.60 -32.57 5.23
N ASN B 69 -31.21 -31.39 5.20
CA ASN B 69 -32.06 -31.02 4.08
C ASN B 69 -31.41 -30.24 2.96
N VAL B 70 -30.10 -30.07 3.06
CA VAL B 70 -29.40 -29.33 1.98
C VAL B 70 -28.12 -30.11 1.80
N GLN B 71 -28.14 -31.12 0.94
CA GLN B 71 -26.99 -31.94 0.73
C GLN B 71 -26.13 -31.35 -0.41
N ILE B 72 -24.84 -31.69 -0.39
CA ILE B 72 -23.91 -31.28 -1.42
C ILE B 72 -23.40 -32.57 -2.08
N VAL B 73 -23.34 -32.57 -3.43
CA VAL B 73 -22.64 -33.66 -4.16
C VAL B 73 -21.58 -33.00 -5.04
N GLU B 74 -20.36 -33.51 -4.96
CA GLU B 74 -19.24 -32.87 -5.71
C GLU B 74 -18.90 -33.69 -6.89
N SER B 75 -18.35 -33.02 -7.91
CA SER B 75 -17.71 -33.73 -9.04
C SER B 75 -16.32 -33.08 -9.16
N VAL B 76 -15.30 -33.91 -9.24
CA VAL B 76 -13.90 -33.46 -9.19
C VAL B 76 -13.25 -33.75 -10.51
N THR B 77 -12.57 -32.74 -11.03
CA THR B 77 -11.95 -32.87 -12.41
C THR B 77 -10.54 -32.26 -12.36
N GLU B 78 -9.57 -33.01 -12.88
CA GLU B 78 -8.17 -32.57 -12.92
C GLU B 78 -8.11 -31.13 -13.47
N ASN B 79 -7.25 -30.32 -12.87
CA ASN B 79 -7.02 -28.90 -13.27
C ASN B 79 -7.23 -28.54 -14.75
N ASP B 80 -6.42 -29.06 -15.65
CA ASP B 80 -6.54 -28.55 -17.02
C ASP B 80 -7.84 -29.01 -17.72
N ALA B 81 -8.32 -30.18 -17.36
CA ALA B 81 -9.59 -30.66 -17.87
C ALA B 81 -10.75 -29.84 -17.25
N TYR B 82 -10.54 -29.35 -16.03
CA TYR B 82 -11.55 -28.60 -15.29
C TYR B 82 -11.82 -27.26 -15.99
N LYS B 83 -10.77 -26.64 -16.51
CA LYS B 83 -10.94 -25.39 -17.27
C LYS B 83 -11.88 -25.58 -18.43
N THR B 84 -11.64 -26.66 -19.16
CA THR B 84 -12.48 -26.99 -20.29
C THR B 84 -13.92 -27.22 -19.85
N LYS B 85 -14.03 -28.00 -18.81
CA LYS B 85 -15.38 -28.43 -18.33
C LYS B 85 -16.20 -27.21 -17.90
N ILE B 86 -15.58 -26.35 -17.08
CA ILE B 86 -16.37 -25.22 -16.46
C ILE B 86 -16.74 -24.18 -17.48
N LYS B 87 -15.81 -23.91 -18.42
CA LYS B 87 -16.15 -22.95 -19.48
C LYS B 87 -17.31 -23.42 -20.33
N ALA B 88 -17.30 -24.69 -20.72
CA ALA B 88 -18.38 -25.25 -21.59
C ALA B 88 -19.70 -25.24 -20.84
N ALA B 89 -19.66 -25.64 -19.59
CA ALA B 89 -20.87 -25.72 -18.78
C ALA B 89 -21.54 -24.36 -18.58
N ILE B 90 -20.74 -23.38 -18.24
CA ILE B 90 -21.23 -21.99 -18.08
C ILE B 90 -21.86 -21.52 -19.34
N ALA B 91 -21.16 -21.74 -20.45
CA ALA B 91 -21.69 -21.35 -21.76
C ALA B 91 -23.01 -22.04 -22.15
N ALA B 92 -23.17 -23.29 -21.75
CA ALA B 92 -24.30 -24.10 -22.12
C ALA B 92 -25.41 -24.04 -21.09
N ASN B 93 -25.30 -23.13 -20.11
CA ASN B 93 -26.21 -23.06 -18.98
C ASN B 93 -26.42 -24.38 -18.22
N GLU B 94 -25.33 -25.11 -17.94
CA GLU B 94 -25.40 -26.38 -17.26
C GLU B 94 -24.37 -26.46 -16.17
N ALA B 95 -24.06 -25.29 -15.66
CA ALA B 95 -23.04 -25.15 -14.62
C ALA B 95 -23.66 -25.63 -13.29
N PRO B 96 -22.83 -26.04 -12.32
CA PRO B 96 -23.32 -26.44 -11.04
C PRO B 96 -23.77 -25.27 -10.17
N ASP B 97 -24.39 -25.58 -9.04
CA ASP B 97 -24.80 -24.49 -8.12
C ASP B 97 -23.53 -23.75 -7.61
N ILE B 98 -22.47 -24.48 -7.36
CA ILE B 98 -21.23 -23.84 -6.81
C ILE B 98 -20.05 -24.38 -7.58
N PHE B 99 -19.16 -23.49 -7.99
CA PHE B 99 -17.96 -23.94 -8.75
C PHE B 99 -16.75 -23.19 -8.37
N GLN B 100 -15.64 -23.94 -8.34
CA GLN B 100 -14.34 -23.36 -8.09
C GLN B 100 -13.91 -22.57 -9.36
N THR B 101 -13.20 -21.46 -9.17
CA THR B 101 -12.72 -20.76 -10.35
C THR B 101 -11.47 -20.00 -9.99
N TRP B 102 -10.94 -19.32 -11.02
CA TRP B 102 -9.87 -18.35 -10.79
C TRP B 102 -10.44 -16.97 -11.03
N ALA B 103 -10.27 -16.09 -10.04
CA ALA B 103 -10.84 -14.72 -10.07
C ALA B 103 -10.02 -13.84 -10.97
N GLY B 104 -10.60 -12.72 -11.42
CA GLY B 104 -10.00 -11.90 -12.48
C GLY B 104 -10.38 -12.25 -13.89
N GLY B 105 -9.38 -12.27 -14.77
CA GLY B 105 -9.66 -12.45 -16.17
C GLY B 105 -10.36 -13.73 -16.57
N PHE B 106 -10.00 -14.82 -15.90
CA PHE B 106 -10.61 -16.10 -16.19
C PHE B 106 -12.09 -16.09 -16.03
N SER B 107 -12.57 -15.44 -14.96
CA SER B 107 -13.99 -15.46 -14.67
C SER B 107 -14.75 -14.28 -15.26
N GLN B 108 -14.02 -13.28 -15.74
CA GLN B 108 -14.71 -12.09 -16.28
C GLN B 108 -15.82 -12.42 -17.35
N PRO B 109 -15.55 -13.30 -18.34
CA PRO B 109 -16.57 -13.61 -19.35
C PRO B 109 -17.83 -14.19 -18.69
N PHE B 110 -17.66 -15.01 -17.64
CA PHE B 110 -18.83 -15.63 -16.99
C PHE B 110 -19.71 -14.52 -16.38
N VAL B 111 -19.06 -13.58 -15.71
CA VAL B 111 -19.73 -12.43 -15.03
C VAL B 111 -20.38 -11.53 -16.05
N GLU B 112 -19.68 -11.25 -17.15
CA GLU B 112 -20.21 -10.34 -18.19
C GLU B 112 -21.43 -10.95 -18.90
N ALA B 113 -21.44 -12.26 -19.02
CA ALA B 113 -22.54 -12.96 -19.69
C ALA B 113 -23.76 -13.14 -18.75
N GLY B 114 -23.70 -12.64 -17.52
CA GLY B 114 -24.83 -12.81 -16.62
C GLY B 114 -24.95 -14.19 -16.03
N LYS B 115 -23.86 -14.98 -16.05
CA LYS B 115 -23.99 -16.38 -15.58
C LYS B 115 -23.66 -16.59 -14.07
N VAL B 116 -23.27 -15.53 -13.39
CA VAL B 116 -22.83 -15.59 -12.02
C VAL B 116 -23.68 -14.73 -11.10
N LEU B 117 -24.09 -15.34 -9.97
CA LEU B 117 -24.92 -14.60 -8.99
C LEU B 117 -24.10 -13.51 -8.31
N GLN B 118 -24.66 -12.30 -8.30
CA GLN B 118 -24.06 -11.22 -7.55
C GLN B 118 -24.19 -11.50 -6.05
N LEU B 119 -23.13 -11.22 -5.28
CA LEU B 119 -23.13 -11.64 -3.86
C LEU B 119 -23.14 -10.48 -2.84
N ASP B 120 -23.17 -9.23 -3.28
CA ASP B 120 -23.18 -8.11 -2.32
C ASP B 120 -24.30 -8.22 -1.22
N SER B 121 -25.47 -8.64 -1.62
CA SER B 121 -26.62 -8.72 -0.66
C SER B 121 -26.40 -9.79 0.38
N TYR B 122 -25.47 -10.72 0.11
CA TYR B 122 -25.21 -11.79 1.05
C TYR B 122 -23.95 -11.50 1.84
N LEU B 123 -23.37 -10.29 1.71
CA LEU B 123 -22.13 -9.99 2.39
C LEU B 123 -22.24 -8.83 3.34
N ASN B 124 -23.43 -8.73 3.91
CA ASN B 124 -23.76 -7.69 4.93
C ASN B 124 -23.96 -8.38 6.27
N ASP B 125 -23.43 -9.60 6.39
CA ASP B 125 -23.56 -10.38 7.58
C ASP B 125 -22.27 -10.57 8.35
N GLY B 126 -21.26 -9.77 8.06
CA GLY B 126 -20.00 -9.87 8.81
C GLY B 126 -19.00 -10.82 8.11
N THR B 127 -19.39 -11.41 6.99
CA THR B 127 -18.53 -12.39 6.32
C THR B 127 -17.20 -11.75 5.96
N LYS B 128 -17.24 -10.53 5.45
CA LYS B 128 -16.00 -9.90 4.94
C LYS B 128 -14.91 -9.78 5.95
N ASP B 129 -15.30 -9.55 7.20
CA ASP B 129 -14.37 -9.38 8.31
C ASP B 129 -13.67 -10.70 8.69
N GLN B 130 -14.19 -11.81 8.18
CA GLN B 130 -13.56 -13.11 8.40
C GLN B 130 -12.46 -13.46 7.38
N LEU B 131 -12.34 -12.67 6.33
CA LEU B 131 -11.20 -12.85 5.38
C LEU B 131 -10.15 -11.82 5.56
N LEU B 132 -8.97 -12.08 5.02
CA LEU B 132 -7.83 -11.14 5.09
C LEU B 132 -8.19 -9.89 4.23
N PRO B 133 -7.60 -8.74 4.57
CA PRO B 133 -7.89 -7.48 3.88
C PRO B 133 -7.59 -7.61 2.38
N GLY B 134 -8.40 -7.01 1.51
CA GLY B 134 -8.14 -7.02 0.09
C GLY B 134 -8.59 -8.29 -0.62
N SER B 135 -9.20 -9.25 0.13
CA SER B 135 -9.52 -10.57 -0.46
C SER B 135 -10.48 -10.52 -1.64
N PHE B 136 -11.37 -9.53 -1.65
CA PHE B 136 -12.45 -9.48 -2.63
C PHE B 136 -12.15 -8.73 -3.91
N ASP B 137 -11.04 -8.05 -3.98
CA ASP B 137 -10.74 -7.22 -5.14
C ASP B 137 -10.88 -8.01 -6.46
N ASN B 138 -10.32 -9.23 -6.53
CA ASN B 138 -10.33 -9.86 -7.81
C ASN B 138 -11.68 -10.51 -8.19
N VAL B 139 -12.58 -10.65 -7.25
CA VAL B 139 -13.91 -11.13 -7.58
C VAL B 139 -14.93 -9.99 -7.70
N THR B 140 -14.45 -8.77 -7.76
CA THR B 140 -15.28 -7.59 -7.89
C THR B 140 -15.18 -7.10 -9.37
N TYR B 141 -16.33 -6.93 -10.03
CA TYR B 141 -16.40 -6.49 -11.42
C TYR B 141 -17.50 -5.43 -11.51
N ASN B 142 -17.19 -4.32 -12.21
CA ASN B 142 -18.15 -3.22 -12.25
C ASN B 142 -18.67 -2.87 -10.89
N GLY B 143 -17.78 -2.90 -9.90
CA GLY B 143 -18.13 -2.46 -8.54
C GLY B 143 -18.93 -3.43 -7.68
N LYS B 144 -19.15 -4.68 -8.15
CA LYS B 144 -20.07 -5.58 -7.55
C LYS B 144 -19.32 -6.88 -7.35
N ILE B 145 -19.68 -7.57 -6.31
CA ILE B 145 -18.92 -8.79 -5.87
C ILE B 145 -19.61 -10.01 -6.44
N TYR B 146 -18.83 -10.88 -7.10
CA TYR B 146 -19.36 -12.08 -7.76
C TYR B 146 -18.75 -13.40 -7.26
N GLY B 147 -17.99 -13.36 -6.18
CA GLY B 147 -17.40 -14.63 -5.71
C GLY B 147 -17.00 -14.56 -4.26
N ILE B 148 -16.80 -15.74 -3.66
CA ILE B 148 -16.28 -15.86 -2.31
C ILE B 148 -14.82 -16.37 -2.48
N PRO B 149 -13.83 -15.51 -2.16
CA PRO B 149 -12.44 -15.95 -2.23
C PRO B 149 -12.16 -17.07 -1.25
N PHE B 150 -11.24 -17.96 -1.59
CA PHE B 150 -10.74 -18.90 -0.60
C PHE B 150 -9.23 -19.05 -0.57
N ASP B 151 -8.50 -18.69 -1.64
CA ASP B 151 -7.04 -18.79 -1.60
C ASP B 151 -6.24 -17.81 -2.42
N GLN B 152 -5.00 -17.63 -2.00
CA GLN B 152 -4.10 -16.76 -2.75
C GLN B 152 -2.96 -17.56 -3.32
N GLN B 153 -2.40 -17.07 -4.40
CA GLN B 153 -1.27 -17.72 -5.01
C GLN B 153 -0.02 -16.86 -4.86
N ALA B 154 1.14 -17.51 -4.96
CA ALA B 154 2.42 -16.81 -4.95
C ALA B 154 3.45 -17.70 -5.65
N SER B 155 4.31 -17.07 -6.42
CA SER B 155 5.41 -17.77 -7.10
C SER B 155 6.61 -18.14 -6.18
N VAL B 156 7.03 -19.37 -6.28
CA VAL B 156 8.02 -19.90 -5.32
C VAL B 156 9.07 -20.68 -6.13
N LEU B 157 10.33 -20.40 -5.86
CA LEU B 157 11.47 -21.25 -6.26
C LEU B 157 11.74 -22.20 -5.11
N TYR B 158 11.44 -23.46 -5.37
CA TYR B 158 11.68 -24.53 -4.38
C TYR B 158 13.09 -25.11 -4.63
N ILE B 159 13.81 -25.31 -3.52
CA ILE B 159 15.23 -25.74 -3.49
C ILE B 159 15.25 -27.09 -2.76
N ASN B 160 15.85 -28.15 -3.37
CA ASN B 160 16.10 -29.32 -2.61
C ASN B 160 17.46 -29.08 -1.86
N LYS B 161 17.36 -28.83 -0.58
CA LYS B 161 18.55 -28.49 0.25
C LYS B 161 19.58 -29.63 0.27
N GLU B 162 19.11 -30.86 0.25
CA GLU B 162 20.00 -32.02 0.28
C GLU B 162 20.91 -32.02 -0.99
N LEU B 163 20.30 -31.84 -2.13
CA LEU B 163 21.08 -31.80 -3.39
C LEU B 163 22.03 -30.57 -3.43
N PHE B 164 21.56 -29.42 -3.01
CA PHE B 164 22.42 -28.21 -2.97
C PHE B 164 23.61 -28.45 -2.00
N ASP B 165 23.34 -29.04 -0.83
CA ASP B 165 24.46 -29.33 0.10
C ASP B 165 25.42 -30.40 -0.45
N LYS B 166 24.85 -31.42 -1.10
CA LYS B 166 25.61 -32.52 -1.68
C LYS B 166 26.78 -31.95 -2.52
N TYR B 167 26.45 -30.94 -3.33
CA TYR B 167 27.42 -30.43 -4.32
C TYR B 167 28.00 -29.05 -3.93
N ASN B 168 27.68 -28.63 -2.71
CA ASN B 168 28.06 -27.31 -2.10
C ASN B 168 27.66 -26.15 -3.04
N VAL B 169 26.44 -26.16 -3.48
CA VAL B 169 25.94 -25.10 -4.39
C VAL B 169 25.13 -24.15 -3.51
N LYS B 170 25.39 -22.85 -3.64
CA LYS B 170 24.63 -21.93 -2.79
C LYS B 170 23.23 -21.64 -3.47
N VAL B 171 22.21 -21.31 -2.70
CA VAL B 171 20.92 -20.95 -3.28
C VAL B 171 21.13 -19.69 -4.10
N PRO B 172 20.64 -19.67 -5.37
CA PRO B 172 20.95 -18.52 -6.21
C PRO B 172 20.05 -17.34 -5.88
N THR B 173 20.66 -16.18 -5.81
CA THR B 173 19.93 -14.96 -5.50
C THR B 173 19.86 -14.02 -6.75
N THR B 174 20.70 -14.28 -7.73
CA THR B 174 20.68 -13.56 -9.01
C THR B 174 20.55 -14.49 -10.20
N PHE B 175 20.12 -13.98 -11.33
CA PHE B 175 19.92 -14.85 -12.46
C PHE B 175 21.24 -15.39 -12.95
N SER B 176 22.31 -14.57 -12.91
CA SER B 176 23.70 -15.07 -13.15
C SER B 176 24.05 -16.25 -12.31
N GLU B 177 23.76 -16.17 -11.00
CA GLU B 177 24.01 -17.29 -10.11
C GLU B 177 23.12 -18.51 -10.47
N LEU B 178 21.88 -18.23 -10.91
CA LEU B 178 20.98 -19.30 -11.29
C LEU B 178 21.52 -20.06 -12.45
N ILE B 179 21.96 -19.31 -13.45
CA ILE B 179 22.51 -20.02 -14.63
C ILE B 179 23.73 -20.82 -14.24
N ASP B 180 24.60 -20.26 -13.39
CA ASP B 180 25.79 -21.01 -12.90
C ASP B 180 25.38 -22.30 -12.17
N ALA B 181 24.35 -22.21 -11.34
CA ALA B 181 23.87 -23.41 -10.58
C ALA B 181 23.28 -24.44 -11.53
N ILE B 182 22.52 -24.00 -12.52
CA ILE B 182 22.01 -24.92 -13.52
C ILE B 182 23.21 -25.69 -14.16
N LYS B 183 24.26 -24.96 -14.55
CA LYS B 183 25.43 -25.54 -15.23
C LYS B 183 26.13 -26.52 -14.30
N THR B 184 26.17 -26.19 -13.00
CA THR B 184 26.85 -27.05 -12.03
C THR B 184 26.08 -28.37 -11.85
N PHE B 185 24.76 -28.24 -11.67
CA PHE B 185 23.98 -29.45 -11.53
C PHE B 185 24.04 -30.32 -12.77
N LYS B 186 23.98 -29.70 -13.95
CA LYS B 186 23.95 -30.45 -15.19
C LYS B 186 25.29 -31.20 -15.35
N SER B 187 26.35 -30.60 -14.89
CA SER B 187 27.69 -31.18 -14.94
C SER B 187 27.80 -32.39 -13.98
N LYS B 188 27.02 -32.45 -12.91
CA LYS B 188 26.95 -33.60 -12.02
C LYS B 188 25.91 -34.64 -12.42
N GLY B 189 25.22 -34.44 -13.54
CA GLY B 189 24.15 -35.35 -14.01
C GLY B 189 22.87 -35.27 -13.20
N VAL B 190 22.66 -34.11 -12.57
CA VAL B 190 21.47 -33.86 -11.76
C VAL B 190 20.60 -32.90 -12.60
N THR B 191 19.37 -33.30 -12.83
CA THR B 191 18.37 -32.37 -13.49
C THR B 191 18.22 -31.05 -12.69
N PRO B 192 18.46 -29.87 -13.33
CA PRO B 192 18.41 -28.62 -12.53
C PRO B 192 17.02 -28.31 -12.09
N PHE B 193 16.07 -28.36 -13.05
CA PHE B 193 14.64 -28.01 -12.75
C PHE B 193 13.74 -29.18 -13.18
N ALA B 194 12.80 -29.53 -12.34
CA ALA B 194 11.69 -30.41 -12.73
C ALA B 194 10.58 -29.55 -13.31
N LEU B 195 10.38 -29.61 -14.64
CA LEU B 195 9.33 -28.86 -15.29
C LEU B 195 8.52 -29.80 -16.18
N GLY B 196 7.21 -29.61 -16.13
CA GLY B 196 6.27 -30.32 -16.98
C GLY B 196 5.50 -29.29 -17.81
N GLU B 197 5.92 -29.17 -19.07
CA GLU B 197 5.44 -28.07 -19.96
C GLU B 197 4.28 -28.47 -20.91
N LYS B 198 3.79 -29.71 -20.82
CA LYS B 198 2.77 -30.23 -21.74
C LYS B 198 1.49 -29.42 -21.76
N ASP B 199 1.04 -28.97 -20.58
CA ASP B 199 -0.17 -28.14 -20.51
C ASP B 199 0.11 -26.62 -20.52
N GLU B 200 1.37 -26.26 -20.77
CA GLU B 200 1.79 -24.88 -21.10
C GLU B 200 1.79 -23.86 -19.99
N TRP B 201 0.80 -23.89 -19.10
CA TRP B 201 0.79 -22.88 -18.05
C TRP B 201 1.98 -23.00 -17.04
N PRO B 202 2.47 -24.22 -16.77
CA PRO B 202 3.61 -24.26 -15.74
C PRO B 202 4.88 -23.56 -16.22
N GLY B 203 5.21 -23.69 -17.51
CA GLY B 203 6.36 -23.06 -18.09
C GLY B 203 6.07 -21.58 -18.32
N MSE B 204 4.84 -21.24 -18.57
CA MSE B 204 4.46 -19.83 -18.62
C MSE B 204 4.78 -19.09 -17.34
O MSE B 204 5.12 -17.94 -17.44
CB MSE B 204 2.99 -19.70 -19.04
CG MSE B 204 2.51 -18.28 -19.18
SE MSE B 204 0.55 -18.33 -18.79
CE MSE B 204 0.79 -18.61 -16.79
N TRP B 205 4.58 -19.65 -16.14
CA TRP B 205 4.99 -18.98 -14.89
C TRP B 205 6.42 -18.54 -14.89
N TYR B 206 7.29 -19.33 -15.55
CA TYR B 206 8.70 -18.91 -15.64
C TYR B 206 8.82 -17.62 -16.46
N TYR B 207 8.18 -17.60 -17.63
CA TYR B 207 8.27 -16.42 -18.49
C TYR B 207 7.68 -15.21 -17.73
N ASP B 208 6.48 -15.37 -17.16
CA ASP B 208 5.80 -14.26 -16.51
C ASP B 208 6.66 -13.70 -15.36
N MET B 209 7.26 -14.58 -14.57
CA MET B 209 8.21 -14.12 -13.54
C MET B 209 9.42 -13.38 -14.05
N ILE B 210 9.99 -13.89 -15.11
CA ILE B 210 11.19 -13.28 -15.64
C ILE B 210 10.82 -11.90 -16.24
N ALA B 211 9.65 -11.84 -16.85
CA ALA B 211 9.13 -10.52 -17.32
C ALA B 211 8.89 -9.56 -16.25
N LEU B 212 8.37 -10.03 -15.09
CA LEU B 212 8.14 -9.21 -13.93
C LEU B 212 9.49 -8.65 -13.42
N ARG B 213 10.51 -9.51 -13.36
CA ARG B 213 11.85 -9.04 -12.96
C ARG B 213 12.50 -8.05 -13.97
N GLU B 214 12.34 -8.29 -15.26
CA GLU B 214 12.90 -7.42 -16.31
C GLU B 214 12.26 -6.07 -16.39
N GLY B 215 10.94 -6.06 -16.17
CA GLY B 215 10.09 -4.91 -16.56
C GLY B 215 9.40 -4.18 -15.46
N GLY B 216 9.23 -4.85 -14.31
CA GLY B 216 8.44 -4.41 -13.17
C GLY B 216 6.94 -4.62 -13.33
N VAL B 217 6.23 -4.53 -12.22
CA VAL B 217 4.78 -4.86 -12.21
C VAL B 217 3.98 -3.88 -13.06
N GLN B 218 4.37 -2.61 -13.02
CA GLN B 218 3.54 -1.60 -13.80
C GLN B 218 3.52 -1.93 -15.32
N LEU B 219 4.68 -2.23 -15.88
CA LEU B 219 4.77 -2.49 -17.32
C LEU B 219 4.01 -3.78 -17.66
N THR B 220 4.11 -4.80 -16.77
CA THR B 220 3.27 -5.98 -16.96
C THR B 220 1.77 -5.64 -17.00
N ARG B 221 1.32 -4.85 -16.02
CA ARG B 221 -0.09 -4.52 -15.94
C ARG B 221 -0.51 -3.67 -17.14
N ASP B 222 0.35 -2.72 -17.52
CA ASP B 222 0.02 -1.90 -18.70
C ASP B 222 -0.15 -2.72 -19.94
N ALA B 223 0.76 -3.65 -20.17
CA ALA B 223 0.63 -4.46 -21.32
C ALA B 223 -0.63 -5.35 -21.26
N LEU B 224 -0.89 -5.93 -20.10
CA LEU B 224 -2.04 -6.86 -20.03
C LEU B 224 -3.37 -6.05 -20.19
N ASN B 225 -3.34 -4.81 -19.76
CA ASN B 225 -4.52 -3.93 -19.85
C ASN B 225 -4.63 -3.11 -21.15
N GLY B 226 -3.73 -3.34 -22.10
CA GLY B 226 -3.65 -2.70 -23.38
C GLY B 226 -3.16 -1.26 -23.42
N LYS B 227 -2.45 -0.82 -22.38
CA LYS B 227 -1.84 0.49 -22.33
C LYS B 227 -0.39 0.50 -22.78
N ALA B 228 0.08 -0.64 -23.27
CA ALA B 228 1.44 -0.76 -23.79
C ALA B 228 1.48 -1.92 -24.76
N SER B 229 2.25 -1.79 -25.83
CA SER B 229 2.47 -2.89 -26.73
C SER B 229 3.22 -4.05 -26.05
N PHE B 230 2.87 -5.29 -26.42
CA PHE B 230 3.66 -6.44 -25.99
C PHE B 230 5.07 -6.45 -26.63
N ASP B 231 5.24 -5.73 -27.72
CA ASP B 231 6.55 -5.74 -28.37
C ASP B 231 7.42 -4.67 -27.72
N ASN B 232 8.03 -5.02 -26.59
CA ASN B 232 8.81 -4.08 -25.81
C ASN B 232 10.08 -4.81 -25.35
N GLN B 233 11.20 -4.09 -25.18
CA GLN B 233 12.51 -4.77 -24.98
C GLN B 233 12.56 -5.62 -23.69
N ALA B 234 11.86 -5.16 -22.64
CA ALA B 234 11.78 -5.99 -21.39
C ALA B 234 11.18 -7.32 -21.62
N PHE B 235 10.05 -7.38 -22.35
CA PHE B 235 9.47 -8.67 -22.68
C PHE B 235 10.29 -9.54 -23.64
N THR B 236 11.00 -8.91 -24.57
CA THR B 236 11.92 -9.64 -25.47
C THR B 236 13.12 -10.15 -24.67
N ASP B 237 13.71 -9.30 -23.84
CA ASP B 237 14.77 -9.76 -22.92
C ASP B 237 14.36 -10.95 -22.05
N ALA B 238 13.13 -10.90 -21.50
CA ALA B 238 12.63 -12.03 -20.69
C ALA B 238 12.62 -13.33 -21.51
N ALA B 239 12.14 -13.25 -22.76
CA ALA B 239 12.08 -14.38 -23.67
C ALA B 239 13.48 -14.89 -23.91
N GLN B 240 14.44 -13.98 -24.09
CA GLN B 240 15.83 -14.46 -24.28
C GLN B 240 16.35 -15.14 -23.00
N LYS B 241 16.11 -14.56 -21.80
CA LYS B 241 16.53 -15.22 -20.54
C LYS B 241 15.87 -16.58 -20.29
N LEU B 242 14.61 -16.70 -20.70
CA LEU B 242 13.95 -17.99 -20.61
C LEU B 242 14.71 -18.97 -21.55
N GLN B 243 15.06 -18.52 -22.78
CA GLN B 243 15.77 -19.48 -23.70
C GLN B 243 17.21 -19.76 -23.21
N ASP B 244 17.82 -18.80 -22.51
CA ASP B 244 19.13 -19.02 -21.86
C ASP B 244 19.06 -20.13 -20.82
N MSE B 245 17.98 -20.18 -20.05
CA MSE B 245 17.79 -21.40 -19.19
C MSE B 245 17.72 -22.68 -20.02
O MSE B 245 18.40 -23.71 -19.70
CB MSE B 245 16.48 -21.25 -18.37
CG MSE B 245 16.60 -20.07 -17.39
SE MSE B 245 14.92 -19.92 -16.35
CE MSE B 245 15.27 -21.47 -15.21
N VAL B 246 16.91 -22.66 -21.08
CA VAL B 246 16.80 -23.87 -21.92
C VAL B 246 18.21 -24.27 -22.45
N ASN B 247 18.90 -23.28 -22.99
CA ASN B 247 20.19 -23.52 -23.63
C ASN B 247 21.27 -23.97 -22.63
N ALA B 248 21.16 -23.56 -21.37
CA ALA B 248 22.11 -23.98 -20.29
C ALA B 248 21.79 -25.38 -19.74
N GLY B 249 20.68 -26.00 -20.17
CA GLY B 249 20.33 -27.39 -19.81
C GLY B 249 19.52 -27.44 -18.52
N ALA B 250 18.71 -26.41 -18.32
CA ALA B 250 17.92 -26.41 -17.08
C ALA B 250 16.91 -27.55 -16.98
N PHE B 251 16.40 -28.02 -18.11
CA PHE B 251 15.26 -28.95 -18.07
C PHE B 251 15.71 -30.30 -18.63
N ASP B 252 15.01 -31.35 -18.26
CA ASP B 252 15.25 -32.71 -18.82
C ASP B 252 14.82 -32.75 -20.28
N SER B 253 15.46 -33.62 -21.08
CA SER B 253 15.15 -33.65 -22.50
C SER B 253 13.66 -33.67 -22.83
N GLY B 254 12.88 -34.49 -22.14
CA GLY B 254 11.45 -34.66 -22.54
C GLY B 254 10.45 -33.81 -21.75
N PHE B 255 10.86 -32.61 -21.34
CA PHE B 255 10.05 -31.86 -20.39
C PHE B 255 8.78 -31.35 -21.01
N MET B 256 8.82 -31.13 -22.34
CA MET B 256 7.62 -30.67 -23.05
C MET B 256 6.53 -31.70 -23.13
N GLY B 257 6.85 -32.96 -22.86
CA GLY B 257 5.88 -34.07 -22.85
C GLY B 257 5.28 -34.34 -21.49
N LEU B 258 5.76 -33.66 -20.44
CA LEU B 258 5.37 -34.01 -19.04
C LEU B 258 4.35 -32.98 -18.50
N THR B 259 3.39 -33.45 -17.69
CA THR B 259 2.41 -32.60 -17.04
C THR B 259 3.03 -32.05 -15.72
N ARG B 260 2.32 -31.12 -15.12
CA ARG B 260 2.72 -30.57 -13.84
C ARG B 260 2.80 -31.73 -12.88
N ASP B 261 1.78 -32.60 -12.88
CA ASP B 261 1.75 -33.71 -11.87
C ASP B 261 2.97 -34.66 -12.04
N GLU B 262 3.37 -34.83 -13.29
CA GLU B 262 4.56 -35.60 -13.51
C GLU B 262 5.85 -34.93 -13.02
N ALA B 263 5.89 -33.65 -13.22
CA ALA B 263 6.98 -32.84 -12.69
C ALA B 263 7.06 -32.75 -11.17
N THR B 264 5.92 -32.61 -10.50
CA THR B 264 5.97 -32.56 -9.01
C THR B 264 6.42 -33.92 -8.46
N ALA B 265 6.04 -35.02 -9.17
CA ALA B 265 6.56 -36.38 -8.83
C ALA B 265 8.06 -36.52 -9.02
N GLU B 266 8.57 -35.99 -10.11
CA GLU B 266 10.02 -35.90 -10.31
C GLU B 266 10.73 -35.19 -9.16
N PHE B 267 10.18 -34.03 -8.79
CA PHE B 267 10.81 -33.26 -7.72
C PHE B 267 10.62 -33.95 -6.38
N ASN B 268 9.45 -34.50 -6.10
CA ASN B 268 9.25 -35.09 -4.77
C ASN B 268 9.93 -36.44 -4.56
N GLN B 269 10.42 -37.00 -5.68
CA GLN B 269 11.27 -38.19 -5.62
C GLN B 269 12.75 -37.83 -5.53
N GLY B 270 13.08 -36.54 -5.44
CA GLY B 270 14.47 -36.14 -5.27
C GLY B 270 15.27 -36.10 -6.60
N LYS B 271 14.57 -36.00 -7.73
CA LYS B 271 15.19 -36.18 -9.03
C LYS B 271 15.50 -34.87 -9.73
N ALA B 272 15.38 -33.76 -9.00
CA ALA B 272 15.80 -32.47 -9.53
C ALA B 272 16.13 -31.54 -8.41
N ALA B 273 17.09 -30.61 -8.65
CA ALA B 273 17.58 -29.73 -7.62
C ALA B 273 16.53 -28.64 -7.30
N MSE B 274 15.72 -28.22 -8.27
CA MSE B 274 14.83 -27.06 -8.15
C MSE B 274 13.50 -27.25 -8.84
O MSE B 274 13.34 -28.09 -9.67
CB MSE B 274 15.48 -25.81 -8.75
CG MSE B 274 16.81 -25.46 -8.04
SE MSE B 274 17.62 -23.85 -8.88
CE MSE B 274 18.61 -24.80 -10.30
N TYR B 275 12.51 -26.51 -8.39
CA TYR B 275 11.19 -26.55 -9.07
C TYR B 275 10.69 -25.08 -8.98
N PHE B 276 10.04 -24.56 -10.00
CA PHE B 276 9.50 -23.23 -9.85
C PHE B 276 8.04 -23.18 -10.30
N GLY B 277 7.20 -22.57 -9.47
CA GLY B 277 5.81 -22.39 -9.88
C GLY B 277 4.96 -21.92 -8.74
N GLY B 278 3.69 -22.39 -8.69
CA GLY B 278 2.83 -21.93 -7.68
C GLY B 278 3.18 -22.48 -6.30
N ASN B 279 2.87 -21.68 -5.28
CA ASN B 279 2.79 -22.15 -3.90
C ASN B 279 1.89 -23.39 -3.74
N PHE B 280 0.94 -23.55 -4.68
CA PHE B 280 -0.07 -24.63 -4.53
C PHE B 280 0.57 -26.01 -4.72
N ASP B 281 1.76 -26.05 -5.32
CA ASP B 281 2.49 -27.28 -5.52
C ASP B 281 3.24 -27.77 -4.26
N ALA B 282 3.31 -26.94 -3.24
CA ALA B 282 4.07 -27.31 -2.06
C ALA B 282 3.53 -28.59 -1.45
N ALA B 283 2.20 -28.78 -1.49
CA ALA B 283 1.61 -30.04 -0.97
C ALA B 283 2.18 -31.28 -1.61
N ALA B 284 2.49 -31.20 -2.92
CA ALA B 284 3.07 -32.38 -3.58
C ALA B 284 4.38 -32.75 -2.91
N PHE B 285 5.05 -31.80 -2.25
CA PHE B 285 6.38 -32.08 -1.67
C PHE B 285 6.37 -32.42 -0.18
N VAL B 286 5.39 -31.87 0.57
CA VAL B 286 5.37 -31.99 2.03
C VAL B 286 4.15 -32.71 2.58
N SER B 287 3.15 -32.97 1.77
CA SER B 287 1.95 -33.62 2.26
C SER B 287 1.60 -34.88 1.50
N ASP B 288 2.02 -34.99 0.25
CA ASP B 288 1.78 -36.18 -0.56
C ASP B 288 2.52 -37.33 0.15
N PRO B 289 1.79 -38.43 0.47
CA PRO B 289 2.43 -39.50 1.20
C PRO B 289 3.54 -40.24 0.41
N SER B 290 3.57 -40.03 -0.90
CA SER B 290 4.66 -40.58 -1.75
C SER B 290 5.94 -39.79 -1.71
N SER B 291 5.89 -38.54 -1.25
CA SER B 291 7.08 -37.68 -1.37
C SER B 291 8.19 -38.25 -0.54
N LEU B 292 9.40 -38.19 -1.12
CA LEU B 292 10.67 -38.50 -0.48
C LEU B 292 11.44 -37.27 0.00
N VAL B 293 10.86 -36.07 -0.12
CA VAL B 293 11.62 -34.82 0.19
C VAL B 293 11.03 -33.99 1.31
N LYS B 294 10.04 -34.53 2.03
CA LYS B 294 9.53 -33.75 3.15
C LYS B 294 10.67 -33.38 4.09
N GLY B 295 10.73 -32.10 4.45
CA GLY B 295 11.81 -31.57 5.32
C GLY B 295 13.14 -31.28 4.60
N LYS B 296 13.21 -31.55 3.30
CA LYS B 296 14.40 -31.27 2.52
C LYS B 296 14.23 -30.05 1.61
N ILE B 297 13.03 -29.47 1.62
CA ILE B 297 12.68 -28.41 0.60
C ILE B 297 12.63 -27.07 1.27
N GLU B 298 13.24 -26.05 0.64
CA GLU B 298 13.24 -24.68 1.10
C GLU B 298 12.52 -23.86 0.02
N ALA B 299 11.80 -22.84 0.44
CA ALA B 299 11.13 -21.97 -0.50
C ALA B 299 11.89 -20.63 -0.48
N VAL B 300 12.28 -20.16 -1.64
CA VAL B 300 12.82 -18.78 -1.80
C VAL B 300 12.16 -17.99 -2.96
N ARG B 301 12.45 -16.68 -3.02
CA ARG B 301 12.00 -15.84 -4.10
C ARG B 301 12.75 -16.13 -5.38
N PHE B 302 12.10 -15.95 -6.53
CA PHE B 302 12.87 -16.02 -7.76
C PHE B 302 14.01 -14.97 -7.76
N PRO B 303 15.17 -15.33 -8.29
CA PRO B 303 16.31 -14.38 -8.23
C PRO B 303 16.07 -13.09 -8.98
N THR B 304 16.90 -12.10 -8.67
CA THR B 304 16.95 -10.80 -9.35
C THR B 304 17.70 -10.87 -10.67
N ILE B 305 17.44 -9.92 -11.59
CA ILE B 305 18.09 -9.90 -12.89
C ILE B 305 18.84 -8.58 -13.04
N GLU B 306 20.14 -8.66 -13.29
CA GLU B 306 20.96 -7.46 -13.31
C GLU B 306 20.41 -6.53 -14.41
N GLY B 307 20.14 -5.29 -14.02
CA GLY B 307 19.66 -4.27 -14.96
C GLY B 307 18.14 -4.32 -15.16
N GLY B 308 17.50 -5.35 -14.62
CA GLY B 308 16.05 -5.44 -14.56
C GLY B 308 15.43 -4.31 -13.78
N LYS B 309 14.22 -3.91 -14.19
CA LYS B 309 13.56 -2.77 -13.57
C LYS B 309 12.62 -3.20 -12.49
N GLY B 310 12.36 -4.50 -12.40
CA GLY B 310 11.49 -5.00 -11.32
C GLY B 310 12.01 -4.87 -9.90
N ASP B 311 11.12 -4.68 -8.93
CA ASP B 311 11.50 -4.74 -7.51
C ASP B 311 11.75 -6.21 -7.11
N PRO B 312 12.86 -6.50 -6.35
CA PRO B 312 13.18 -7.92 -6.08
C PRO B 312 12.10 -8.68 -5.33
N THR B 313 11.16 -7.95 -4.69
CA THR B 313 10.17 -8.61 -3.83
C THR B 313 8.81 -8.84 -4.58
N GLU B 314 8.71 -8.39 -5.83
CA GLU B 314 7.44 -8.54 -6.56
C GLU B 314 7.23 -10.05 -6.82
N TYR B 315 5.96 -10.50 -6.86
CA TYR B 315 5.73 -11.90 -7.18
C TYR B 315 4.57 -12.09 -8.12
N ILE B 316 4.49 -13.26 -8.70
CA ILE B 316 3.37 -13.66 -9.53
C ILE B 316 2.36 -14.37 -8.61
N GLY B 317 1.15 -13.82 -8.54
CA GLY B 317 0.15 -14.39 -7.67
C GLY B 317 -0.93 -13.37 -7.33
N GLY B 318 -1.51 -13.55 -6.16
CA GLY B 318 -2.62 -12.66 -5.71
C GLY B 318 -3.78 -13.51 -5.21
N THR B 319 -4.86 -12.87 -4.75
CA THR B 319 -6.00 -13.68 -4.25
C THR B 319 -6.84 -14.07 -5.44
N VAL B 320 -6.66 -15.28 -5.93
CA VAL B 320 -7.29 -15.61 -7.20
C VAL B 320 -8.13 -16.90 -7.08
N GLY B 321 -7.98 -17.66 -6.01
CA GLY B 321 -8.83 -18.91 -5.86
C GLY B 321 -10.19 -18.45 -5.29
N ALA B 322 -11.28 -18.80 -5.96
CA ALA B 322 -12.63 -18.37 -5.43
C ALA B 322 -13.70 -19.43 -5.75
N LEU B 323 -14.78 -19.40 -4.97
CA LEU B 323 -16.02 -20.14 -5.38
C LEU B 323 -17.07 -19.15 -5.89
N MSE B 324 -17.75 -19.53 -6.98
CA MSE B 324 -18.85 -18.71 -7.52
C MSE B 324 -20.11 -19.55 -7.45
O MSE B 324 -20.07 -20.75 -7.51
CB MSE B 324 -18.55 -18.23 -8.93
CG MSE B 324 -17.51 -17.06 -8.85
SE MSE B 324 -17.08 -16.44 -10.65
CE MSE B 324 -15.87 -15.02 -9.98
N VAL B 325 -21.24 -18.86 -7.43
CA VAL B 325 -22.55 -19.52 -7.49
C VAL B 325 -23.22 -19.16 -8.84
N SER B 326 -23.83 -20.14 -9.48
CA SER B 326 -24.45 -19.96 -10.79
C SER B 326 -25.69 -19.10 -10.71
N ALA B 327 -25.82 -18.12 -11.61
CA ALA B 327 -26.98 -17.22 -11.63
C ALA B 327 -28.26 -17.98 -11.85
N ASN B 328 -28.21 -19.13 -12.47
CA ASN B 328 -29.42 -19.99 -12.73
C ASN B 328 -29.65 -21.07 -11.67
N SER B 329 -28.96 -20.99 -10.54
CA SER B 329 -29.18 -21.96 -9.47
C SER B 329 -30.60 -21.84 -8.97
N LYS B 330 -31.22 -22.99 -8.70
CA LYS B 330 -32.57 -23.02 -8.15
C LYS B 330 -32.62 -22.71 -6.68
N TYR B 331 -31.48 -22.77 -6.03
CA TYR B 331 -31.44 -22.65 -4.57
C TYR B 331 -30.33 -21.66 -4.17
N LYS B 332 -30.51 -20.40 -4.59
CA LYS B 332 -29.49 -19.38 -4.44
C LYS B 332 -29.03 -19.12 -2.99
N ASP B 333 -29.99 -18.88 -2.08
CA ASP B 333 -29.64 -18.64 -0.72
C ASP B 333 -28.87 -19.83 -0.11
N GLU B 334 -29.31 -21.08 -0.39
CA GLU B 334 -28.60 -22.22 0.20
C GLU B 334 -27.24 -22.38 -0.44
N ALA B 335 -27.18 -22.16 -1.74
CA ALA B 335 -25.89 -22.23 -2.45
C ALA B 335 -24.85 -21.23 -1.86
N VAL B 336 -25.28 -20.01 -1.56
CA VAL B 336 -24.31 -19.02 -1.00
C VAL B 336 -23.93 -19.44 0.40
N ARG B 337 -24.89 -19.86 1.22
CA ARG B 337 -24.61 -20.36 2.55
C ARG B 337 -23.56 -21.49 2.50
N ALA B 338 -23.76 -22.42 1.57
CA ALA B 338 -22.84 -23.51 1.40
C ALA B 338 -21.47 -23.01 0.87
N ALA B 339 -21.47 -22.06 -0.07
CA ALA B 339 -20.17 -21.52 -0.62
C ALA B 339 -19.37 -20.84 0.50
N LYS B 340 -20.06 -20.10 1.39
CA LYS B 340 -19.34 -19.45 2.49
C LYS B 340 -18.65 -20.49 3.36
N TYR B 341 -19.35 -21.59 3.63
CA TYR B 341 -18.80 -22.67 4.44
C TYR B 341 -17.67 -23.35 3.73
N LEU B 342 -17.90 -23.68 2.47
CA LEU B 342 -16.84 -24.37 1.68
C LEU B 342 -15.57 -23.50 1.56
N ALA B 343 -15.72 -22.20 1.27
CA ALA B 343 -14.56 -21.33 1.12
C ALA B 343 -13.73 -21.32 2.38
N LYS B 344 -14.35 -21.12 3.55
CA LYS B 344 -13.53 -21.08 4.80
C LYS B 344 -12.86 -22.43 5.03
N GLN B 345 -13.55 -23.52 4.73
CA GLN B 345 -13.00 -24.85 5.07
C GLN B 345 -11.83 -25.12 4.13
N LEU B 346 -11.99 -24.71 2.85
CA LEU B 346 -10.90 -24.91 1.84
C LEU B 346 -9.69 -24.06 2.23
N SER B 347 -9.97 -22.84 2.67
CA SER B 347 -8.87 -21.94 3.09
C SER B 347 -8.03 -22.50 4.21
N ASP B 348 -8.73 -23.01 5.24
CA ASP B 348 -8.02 -23.67 6.37
C ASP B 348 -7.29 -24.91 5.89
N MET B 349 -7.93 -25.73 5.02
CA MET B 349 -7.32 -26.98 4.55
C MET B 349 -6.03 -26.61 3.82
N ASP B 350 -6.11 -25.60 2.93
CA ASP B 350 -4.96 -25.12 2.10
C ASP B 350 -3.79 -24.79 2.98
N TYR B 351 -4.10 -24.12 4.07
CA TYR B 351 -3.06 -23.64 5.00
C TYR B 351 -2.39 -24.82 5.67
N LEU B 352 -3.21 -25.76 6.10
CA LEU B 352 -2.74 -26.99 6.81
C LEU B 352 -2.04 -28.01 5.98
N ILE B 353 -2.45 -28.23 4.72
CA ILE B 353 -1.72 -29.22 3.92
C ILE B 353 -0.79 -28.59 2.84
N ALA B 354 -0.82 -27.26 2.76
CA ALA B 354 0.03 -26.45 1.83
C ALA B 354 -0.38 -26.60 0.34
N THR B 355 -1.68 -26.80 0.10
CA THR B 355 -2.19 -26.77 -1.26
C THR B 355 -2.56 -25.36 -1.69
N GLY B 356 -2.45 -24.43 -0.72
CA GLY B 356 -2.69 -23.03 -1.02
C GLY B 356 -2.27 -22.10 0.07
N LEU B 357 -2.32 -20.77 -0.22
CA LEU B 357 -2.14 -19.74 0.86
C LEU B 357 -3.56 -19.25 1.28
N PRO B 358 -3.88 -19.25 2.59
CA PRO B 358 -5.31 -19.02 2.95
C PRO B 358 -5.74 -17.53 2.58
N ALA B 359 -6.95 -17.36 2.11
CA ALA B 359 -7.58 -16.02 2.01
C ALA B 359 -8.42 -15.67 3.25
N TRP B 360 -8.85 -16.68 3.98
CA TRP B 360 -9.62 -16.47 5.26
C TRP B 360 -8.68 -16.36 6.40
N LYS B 361 -9.05 -15.53 7.37
CA LYS B 361 -8.29 -15.51 8.61
C LYS B 361 -8.13 -16.92 9.16
N TYR B 362 -7.08 -17.14 9.95
CA TYR B 362 -6.72 -18.48 10.42
C TYR B 362 -6.31 -18.54 11.91
N ASP B 363 -6.84 -17.61 12.71
CA ASP B 363 -6.68 -17.59 14.17
C ASP B 363 -7.17 -18.87 14.83
N ASN B 364 -8.22 -19.48 14.27
CA ASN B 364 -8.70 -20.78 14.75
C ASN B 364 -7.69 -21.96 14.57
N ILE B 365 -6.66 -21.78 13.75
CA ILE B 365 -5.78 -22.87 13.34
C ILE B 365 -4.53 -22.87 14.18
N ASP B 366 -4.08 -24.05 14.55
CA ASP B 366 -2.89 -24.18 15.40
C ASP B 366 -1.61 -24.15 14.56
N GLN B 367 -0.80 -23.16 14.83
CA GLN B 367 0.38 -22.87 14.04
C GLN B 367 1.43 -23.99 14.03
N SER B 368 1.45 -24.77 15.10
CA SER B 368 2.34 -25.92 15.16
C SER B 368 1.93 -27.08 14.23
N LYS B 369 0.72 -27.02 13.67
CA LYS B 369 0.24 -28.09 12.84
C LYS B 369 0.50 -27.73 11.35
N VAL B 370 0.94 -26.52 11.11
CA VAL B 370 1.19 -26.13 9.70
C VAL B 370 2.62 -26.44 9.24
N ASP B 371 2.79 -26.80 7.97
CA ASP B 371 4.11 -27.24 7.56
C ASP B 371 5.06 -26.04 7.49
N PRO B 372 6.30 -26.20 7.97
CA PRO B 372 7.29 -25.15 7.86
C PRO B 372 7.46 -24.62 6.43
N LEU B 373 7.26 -25.48 5.40
CA LEU B 373 7.33 -24.94 4.04
C LEU B 373 6.25 -23.88 3.75
N GLU B 374 5.02 -24.12 4.22
CA GLU B 374 3.92 -23.14 4.06
C GLU B 374 4.25 -21.81 4.74
N ILE B 375 4.76 -21.92 5.97
CA ILE B 375 5.16 -20.72 6.74
C ILE B 375 6.32 -20.04 6.01
N GLN B 376 7.26 -20.81 5.47
CA GLN B 376 8.39 -20.19 4.76
C GLN B 376 7.98 -19.48 3.49
N ILE B 377 6.98 -20.03 2.80
CA ILE B 377 6.43 -19.32 1.62
C ILE B 377 5.88 -17.94 2.05
N MET B 378 5.14 -17.91 3.15
CA MET B 378 4.65 -16.67 3.75
C MET B 378 5.79 -15.74 4.07
N ASN B 379 6.78 -16.24 4.80
CA ASN B 379 7.92 -15.41 5.21
C ASN B 379 8.84 -14.97 4.08
N ASN B 380 9.25 -15.88 3.24
CA ASN B 380 10.22 -15.56 2.20
C ASN B 380 9.64 -14.91 0.91
N ILE B 381 8.35 -15.10 0.59
CA ILE B 381 7.84 -14.59 -0.67
C ILE B 381 6.76 -13.50 -0.44
N VAL B 382 5.78 -13.82 0.40
CA VAL B 382 4.62 -12.94 0.56
C VAL B 382 4.92 -11.72 1.45
N ALA B 383 5.47 -11.95 2.63
CA ALA B 383 5.70 -10.88 3.65
C ALA B 383 6.48 -9.71 3.04
N ASN B 384 5.91 -8.52 3.17
CA ASN B 384 6.56 -7.27 2.80
C ASN B 384 6.82 -7.14 1.31
N ALA B 385 6.11 -7.92 0.48
CA ALA B 385 6.37 -7.81 -0.95
C ALA B 385 5.83 -6.46 -1.45
N LYS B 386 6.48 -5.87 -2.44
CA LYS B 386 6.09 -4.56 -2.93
C LYS B 386 4.88 -4.61 -3.87
N GLY B 387 4.58 -5.76 -4.47
CA GLY B 387 3.38 -5.83 -5.32
C GLY B 387 3.37 -7.17 -6.03
N SER B 388 2.31 -7.41 -6.79
CA SER B 388 2.18 -8.76 -7.40
C SER B 388 1.18 -8.58 -8.54
N VAL B 389 1.14 -9.57 -9.41
CA VAL B 389 0.23 -9.65 -10.51
C VAL B 389 -0.04 -11.10 -10.79
N PRO B 390 -1.30 -11.48 -11.07
CA PRO B 390 -1.63 -12.90 -11.33
C PRO B 390 -0.90 -13.44 -12.57
N ALA B 391 -0.79 -14.75 -12.62
CA ALA B 391 -0.24 -15.40 -13.81
C ALA B 391 -1.01 -14.95 -15.01
N TRP B 392 -0.37 -14.82 -16.17
CA TRP B 392 -1.03 -14.08 -17.22
C TRP B 392 -2.21 -14.86 -17.78
N ASP B 393 -2.22 -16.20 -17.65
CA ASP B 393 -3.37 -16.92 -18.15
C ASP B 393 -4.61 -16.83 -17.26
N ILE B 394 -4.50 -16.20 -16.09
CA ILE B 394 -5.63 -15.90 -15.20
C ILE B 394 -6.04 -14.44 -15.39
N TYR B 395 -5.10 -13.59 -15.77
CA TYR B 395 -5.36 -12.18 -15.84
C TYR B 395 -5.97 -11.91 -17.22
N LEU B 396 -5.36 -12.46 -18.26
CA LEU B 396 -5.96 -12.45 -19.62
C LEU B 396 -7.11 -13.46 -19.70
N SER B 397 -7.91 -13.44 -20.77
CA SER B 397 -8.84 -14.62 -20.88
C SER B 397 -8.85 -15.11 -22.25
N GLY B 398 -9.54 -16.23 -22.43
CA GLY B 398 -9.83 -16.82 -23.73
C GLY B 398 -8.64 -16.87 -24.65
N ASP B 399 -8.82 -16.34 -25.84
CA ASP B 399 -7.81 -16.47 -26.91
C ASP B 399 -6.50 -15.79 -26.52
N ALA B 400 -6.55 -14.66 -25.79
CA ALA B 400 -5.29 -13.99 -25.49
C ALA B 400 -4.45 -14.87 -24.58
N ALA B 401 -5.08 -15.43 -23.56
CA ALA B 401 -4.36 -16.32 -22.61
C ALA B 401 -3.77 -17.51 -23.37
N GLN B 402 -4.55 -18.08 -24.32
CA GLN B 402 -4.08 -19.23 -25.04
C GLN B 402 -2.93 -18.88 -25.95
N THR B 403 -3.01 -17.69 -26.57
CA THR B 403 -1.92 -17.16 -27.41
C THR B 403 -0.61 -17.11 -26.61
N HIS B 404 -0.66 -16.58 -25.40
CA HIS B 404 0.56 -16.45 -24.56
C HIS B 404 1.10 -17.82 -24.19
N LYS B 405 0.21 -18.71 -23.74
CA LYS B 405 0.61 -20.06 -23.40
C LYS B 405 1.30 -20.74 -24.56
N ASP B 406 0.68 -20.65 -25.77
CA ASP B 406 1.29 -21.31 -26.93
C ASP B 406 2.62 -20.66 -27.36
N LEU B 407 2.69 -19.33 -27.36
CA LEU B 407 3.95 -18.64 -27.85
C LEU B 407 5.10 -18.94 -26.85
N VAL B 408 4.78 -18.93 -25.56
CA VAL B 408 5.83 -19.31 -24.59
C VAL B 408 6.23 -20.76 -24.78
N ALA B 409 5.27 -21.63 -25.08
CA ALA B 409 5.69 -22.99 -25.38
C ALA B 409 6.66 -23.06 -26.60
N GLN B 410 6.40 -22.27 -27.63
CA GLN B 410 7.38 -22.18 -28.75
C GLN B 410 8.71 -21.61 -28.30
N LEU B 411 8.73 -20.65 -27.34
CA LEU B 411 10.05 -20.27 -26.77
C LEU B 411 10.82 -21.47 -26.18
N PHE B 412 10.14 -22.24 -25.34
CA PHE B 412 10.78 -23.41 -24.69
C PHE B 412 11.27 -24.45 -25.68
N ALA B 413 10.56 -24.54 -26.79
CA ALA B 413 10.82 -25.52 -27.83
C ALA B 413 11.90 -25.03 -28.80
N LYS B 414 12.36 -23.81 -28.59
CA LYS B 414 13.34 -23.13 -29.56
C LYS B 414 12.73 -23.10 -30.98
N GLN B 415 11.43 -22.86 -31.03
CA GLN B 415 10.65 -22.77 -32.31
C GLN B 415 10.27 -21.34 -32.65
N ILE B 416 10.88 -20.40 -31.92
CA ILE B 416 10.62 -18.98 -32.17
C ILE B 416 11.74 -18.21 -31.55
N THR B 417 12.06 -17.03 -32.16
CA THR B 417 13.08 -16.16 -31.59
C THR B 417 12.41 -15.26 -30.54
N PRO B 418 13.17 -14.72 -29.59
CA PRO B 418 12.62 -13.72 -28.68
C PRO B 418 11.97 -12.55 -29.41
N GLU B 419 12.59 -12.13 -30.52
CA GLU B 419 12.05 -10.99 -31.24
C GLU B 419 10.74 -11.30 -31.91
N GLU B 420 10.62 -12.49 -32.51
CA GLU B 420 9.39 -12.90 -33.16
C GLU B 420 8.34 -13.23 -32.14
N TYR B 421 8.76 -13.76 -31.01
CA TYR B 421 7.81 -13.95 -29.89
C TYR B 421 7.09 -12.66 -29.55
N SER B 422 7.85 -11.57 -29.39
CA SER B 422 7.23 -10.32 -28.93
C SER B 422 6.39 -9.67 -30.08
N LYS B 423 6.88 -9.74 -31.31
CA LYS B 423 6.03 -9.30 -32.49
C LYS B 423 4.74 -10.05 -32.59
N GLN B 424 4.79 -11.38 -32.41
CA GLN B 424 3.58 -12.17 -32.53
C GLN B 424 2.65 -11.98 -31.36
N MSE B 425 3.20 -11.77 -30.18
CA MSE B 425 2.34 -11.43 -29.05
C MSE B 425 1.55 -10.20 -29.37
O MSE B 425 0.29 -10.23 -29.20
CB MSE B 425 3.10 -11.25 -27.73
CG MSE B 425 3.67 -12.51 -27.09
SE MSE B 425 2.22 -13.50 -26.15
CE MSE B 425 1.83 -12.16 -24.73
N GLN B 426 2.22 -9.14 -29.71
CA GLN B 426 1.49 -7.90 -30.03
C GLN B 426 0.48 -8.09 -31.20
N GLN B 427 0.90 -8.71 -32.28
CA GLN B 427 0.03 -8.85 -33.42
C GLN B 427 -1.16 -9.77 -33.17
N LYS B 428 -0.93 -10.88 -32.44
CA LYS B 428 -1.98 -11.84 -32.26
C LYS B 428 -3.02 -11.42 -31.21
N ILE B 429 -2.56 -10.76 -30.16
CA ILE B 429 -3.49 -10.22 -29.13
C ILE B 429 -4.10 -8.86 -29.54
N ASN B 430 -3.28 -7.96 -30.03
CA ASN B 430 -3.76 -6.56 -30.24
C ASN B 430 -3.82 -6.23 -31.74
N ILE C 39 38.49 11.69 15.45
CA ILE C 39 37.18 12.23 15.86
C ILE C 39 36.50 11.24 16.81
N THR C 40 35.80 11.77 17.82
CA THR C 40 34.98 10.92 18.69
C THR C 40 33.54 11.43 18.84
N LEU C 41 32.58 10.57 18.52
CA LEU C 41 31.17 10.89 18.69
C LEU C 41 30.66 10.33 20.01
N THR C 42 29.73 11.06 20.61
CA THR C 42 29.01 10.55 21.77
C THR C 42 27.63 10.00 21.35
N PHE C 43 27.21 8.92 21.99
CA PHE C 43 25.93 8.29 21.64
C PHE C 43 25.26 7.90 22.95
N TRP C 44 24.06 8.43 23.22
CA TRP C 44 23.31 8.01 24.40
C TRP C 44 22.15 7.11 24.04
N ASN C 45 21.91 6.08 24.86
CA ASN C 45 20.74 5.19 24.71
C ASN C 45 20.30 4.62 26.06
N LEU C 46 19.18 3.87 26.06
CA LEU C 46 18.61 3.37 27.31
C LEU C 46 18.64 1.83 27.45
N PHE C 47 19.39 1.16 26.56
CA PHE C 47 19.50 -0.31 26.59
C PHE C 47 20.35 -0.91 27.73
N THR C 48 19.74 -0.95 28.91
CA THR C 48 20.44 -1.23 30.15
C THR C 48 20.47 -2.71 30.55
N GLY C 49 19.39 -3.43 30.21
CA GLY C 49 19.26 -4.85 30.60
C GLY C 49 19.95 -5.80 29.63
N GLU C 50 20.20 -7.02 30.09
CA GLU C 50 20.88 -8.03 29.25
C GLU C 50 19.87 -8.89 28.47
N PRO C 51 20.25 -9.34 27.26
CA PRO C 51 21.55 -9.18 26.61
C PRO C 51 21.70 -7.91 25.71
N ALA C 52 20.72 -7.00 25.73
CA ALA C 52 20.77 -5.78 24.89
C ALA C 52 22.04 -4.97 25.16
N LYS C 53 22.34 -4.74 26.45
CA LYS C 53 23.51 -3.95 26.87
C LYS C 53 24.80 -4.49 26.25
N THR C 54 24.96 -5.83 26.31
CA THR C 54 26.13 -6.55 25.71
C THR C 54 26.09 -6.45 24.19
N LYS C 55 24.89 -6.64 23.62
CA LYS C 55 24.74 -6.50 22.16
C LYS C 55 25.07 -5.12 21.58
N VAL C 56 24.66 -4.09 22.32
CA VAL C 56 24.83 -2.72 21.85
C VAL C 56 26.31 -2.36 21.89
N LYS C 57 26.97 -2.78 22.97
CA LYS C 57 28.42 -2.61 23.11
C LYS C 57 29.17 -3.22 21.92
N GLU C 58 28.74 -4.42 21.53
CA GLU C 58 29.34 -5.17 20.42
C GLU C 58 29.17 -4.40 19.10
N ILE C 59 27.95 -3.96 18.82
CA ILE C 59 27.66 -3.11 17.69
C ILE C 59 28.60 -1.90 17.65
N ILE C 60 28.70 -1.15 18.74
CA ILE C 60 29.65 -0.04 18.86
C ILE C 60 31.07 -0.53 18.54
N ASP C 61 31.48 -1.64 19.14
CA ASP C 61 32.85 -2.16 18.93
C ASP C 61 33.13 -2.43 17.44
N GLN C 62 32.17 -3.06 16.75
CA GLN C 62 32.38 -3.32 15.34
C GLN C 62 32.50 -2.01 14.54
N TRP C 63 31.71 -1.01 14.91
CA TRP C 63 31.86 0.30 14.27
C TRP C 63 33.22 0.88 14.53
N ASN C 64 33.67 0.77 15.78
CA ASN C 64 34.92 1.39 16.19
C ASN C 64 36.10 0.77 15.43
N LYS C 65 36.03 -0.55 15.23
CA LYS C 65 37.01 -1.30 14.45
C LYS C 65 36.98 -0.89 12.95
N GLU C 66 35.79 -0.84 12.39
CA GLU C 66 35.70 -0.49 11.00
C GLU C 66 35.98 1.02 10.71
N ASN C 67 36.01 1.86 11.75
CA ASN C 67 36.11 3.31 11.52
C ASN C 67 37.11 3.99 12.44
N PRO C 68 38.42 3.69 12.21
CA PRO C 68 39.47 4.09 13.16
C PRO C 68 39.50 5.59 13.47
N ASN C 69 39.14 6.42 12.48
CA ASN C 69 39.15 7.88 12.66
C ASN C 69 37.87 8.46 13.22
N VAL C 70 36.77 7.70 13.11
CA VAL C 70 35.53 8.13 13.72
C VAL C 70 35.12 7.11 14.79
N GLN C 71 35.54 7.35 16.04
CA GLN C 71 35.15 6.48 17.14
C GLN C 71 33.80 6.92 17.74
N ILE C 72 33.08 5.97 18.31
CA ILE C 72 31.89 6.25 19.11
C ILE C 72 32.13 5.82 20.54
N VAL C 73 31.65 6.63 21.49
CA VAL C 73 31.66 6.28 22.90
C VAL C 73 30.22 6.46 23.35
N GLU C 74 29.70 5.49 24.11
CA GLU C 74 28.31 5.55 24.55
C GLU C 74 28.19 5.85 26.03
N SER C 75 27.05 6.40 26.43
CA SER C 75 26.69 6.42 27.84
C SER C 75 25.25 5.88 27.97
N VAL C 76 25.08 4.85 28.79
CA VAL C 76 23.78 4.18 28.92
C VAL C 76 23.08 4.53 30.24
N THR C 77 21.79 4.84 30.13
CA THR C 77 21.01 5.30 31.28
C THR C 77 19.69 4.59 31.27
N GLU C 78 19.22 4.17 32.44
CA GLU C 78 17.91 3.55 32.59
C GLU C 78 16.82 4.44 31.97
N ASN C 79 15.94 3.80 31.20
CA ASN C 79 14.76 4.41 30.58
C ASN C 79 14.15 5.70 31.23
N ASP C 80 13.71 5.60 32.49
CA ASP C 80 13.00 6.73 33.08
C ASP C 80 13.95 7.87 33.47
N ALA C 81 15.14 7.48 33.91
CA ALA C 81 16.23 8.41 34.20
C ALA C 81 16.77 9.06 32.90
N TYR C 82 16.66 8.33 31.80
CA TYR C 82 17.18 8.80 30.52
C TYR C 82 16.30 9.96 30.01
N LYS C 83 14.99 9.83 30.18
CA LYS C 83 14.06 10.90 29.87
C LYS C 83 14.53 12.23 30.49
N THR C 84 14.78 12.18 31.79
CA THR C 84 15.26 13.34 32.54
C THR C 84 16.56 13.88 31.96
N LYS C 85 17.51 12.98 31.74
CA LYS C 85 18.85 13.31 31.27
C LYS C 85 18.91 13.93 29.88
N ILE C 86 18.21 13.31 28.93
CA ILE C 86 18.17 13.82 27.53
C ILE C 86 17.42 15.17 27.41
N LYS C 87 16.32 15.33 28.15
CA LYS C 87 15.63 16.62 28.17
C LYS C 87 16.49 17.76 28.70
N ALA C 88 17.15 17.51 29.84
CA ALA C 88 18.03 18.52 30.46
C ALA C 88 19.24 18.87 29.57
N ALA C 89 19.84 17.84 28.96
CA ALA C 89 20.95 18.06 28.00
C ALA C 89 20.57 18.87 26.76
N ILE C 90 19.41 18.58 26.17
CA ILE C 90 18.96 19.29 24.97
C ILE C 90 18.70 20.76 25.31
N ALA C 91 18.09 20.99 26.45
CA ALA C 91 17.78 22.34 26.86
C ALA C 91 19.07 23.13 27.16
N ALA C 92 20.06 22.47 27.77
CA ALA C 92 21.32 23.09 28.11
C ALA C 92 22.33 23.18 26.94
N ASN C 93 21.93 22.73 25.75
CA ASN C 93 22.81 22.66 24.59
C ASN C 93 24.03 21.75 24.79
N GLU C 94 23.82 20.67 25.54
CA GLU C 94 24.92 19.78 25.92
C GLU C 94 24.53 18.33 25.65
N ALA C 95 23.66 18.17 24.65
CA ALA C 95 23.29 16.84 24.14
C ALA C 95 24.45 16.18 23.36
N PRO C 96 24.48 14.82 23.31
CA PRO C 96 25.47 14.06 22.58
C PRO C 96 25.26 14.23 21.11
N ASP C 97 26.24 13.78 20.33
CA ASP C 97 26.16 13.82 18.86
C ASP C 97 24.94 13.04 18.42
N ILE C 98 24.78 11.83 18.98
CA ILE C 98 23.65 10.95 18.66
C ILE C 98 22.91 10.52 19.91
N PHE C 99 21.60 10.61 19.87
CA PHE C 99 20.78 10.21 21.00
C PHE C 99 19.53 9.45 20.60
N GLN C 100 19.25 8.37 21.35
CA GLN C 100 18.00 7.63 21.21
C GLN C 100 16.83 8.51 21.62
N THR C 101 15.70 8.41 20.94
CA THR C 101 14.52 9.19 21.36
C THR C 101 13.22 8.44 21.00
N TRP C 102 12.09 9.05 21.40
CA TRP C 102 10.75 8.66 20.99
C TRP C 102 10.26 9.68 20.04
N ALA C 103 9.96 9.23 18.85
CA ALA C 103 9.56 10.13 17.77
C ALA C 103 8.14 10.59 18.01
N GLY C 104 7.77 11.68 17.32
CA GLY C 104 6.46 12.29 17.49
C GLY C 104 6.50 13.36 18.57
N GLY C 105 5.41 13.44 19.33
CA GLY C 105 5.24 14.39 20.48
C GLY C 105 6.36 14.60 21.49
N PHE C 106 7.00 13.52 21.94
CA PHE C 106 8.12 13.62 22.90
C PHE C 106 9.25 14.42 22.31
N SER C 107 9.52 14.22 21.03
CA SER C 107 10.66 14.92 20.43
C SER C 107 10.27 16.27 19.77
N GLN C 108 8.96 16.55 19.73
CA GLN C 108 8.51 17.75 18.99
C GLN C 108 9.18 19.03 19.55
N PRO C 109 9.20 19.21 20.89
CA PRO C 109 9.88 20.36 21.54
C PRO C 109 11.33 20.55 21.13
N PHE C 110 12.10 19.46 21.11
CA PHE C 110 13.53 19.51 20.67
C PHE C 110 13.64 20.03 19.23
N VAL C 111 12.72 19.55 18.39
CA VAL C 111 12.76 19.87 16.99
C VAL C 111 12.40 21.33 16.84
N GLU C 112 11.30 21.74 17.47
CA GLU C 112 10.85 23.14 17.39
C GLU C 112 11.83 24.16 17.97
N ALA C 113 12.57 23.74 18.99
CA ALA C 113 13.59 24.60 19.60
C ALA C 113 14.88 24.72 18.78
N GLY C 114 14.94 24.10 17.60
CA GLY C 114 16.15 24.17 16.72
C GLY C 114 17.32 23.33 17.22
N LYS C 115 17.02 22.32 18.04
CA LYS C 115 18.07 21.52 18.72
C LYS C 115 18.43 20.24 17.99
N VAL C 116 17.67 19.94 16.91
CA VAL C 116 17.90 18.71 16.12
C VAL C 116 18.23 18.98 14.64
N LEU C 117 19.30 18.34 14.17
CA LEU C 117 19.76 18.40 12.76
C LEU C 117 18.74 17.82 11.80
N GLN C 118 18.31 18.62 10.83
CA GLN C 118 17.44 18.16 9.72
C GLN C 118 18.20 17.19 8.81
N LEU C 119 17.56 16.08 8.47
CA LEU C 119 18.27 15.01 7.81
C LEU C 119 17.90 14.79 6.34
N ASP C 120 16.99 15.58 5.75
CA ASP C 120 16.52 15.28 4.38
C ASP C 120 17.64 15.28 3.36
N SER C 121 18.66 16.11 3.61
CA SER C 121 19.82 16.18 2.69
C SER C 121 20.66 14.90 2.73
N TYR C 122 20.53 14.14 3.82
CA TYR C 122 21.27 12.87 3.95
C TYR C 122 20.42 11.63 3.64
N LEU C 123 19.22 11.83 3.09
CA LEU C 123 18.30 10.73 2.86
C LEU C 123 17.94 10.53 1.38
N ASN C 124 18.79 11.09 0.52
CA ASN C 124 18.64 10.94 -0.88
C ASN C 124 19.62 9.92 -1.40
N ASP C 125 20.21 9.14 -0.49
CA ASP C 125 21.21 8.16 -0.86
C ASP C 125 20.60 6.79 -0.97
N GLY C 126 19.24 6.72 -0.93
CA GLY C 126 18.55 5.41 -0.92
C GLY C 126 18.31 4.75 0.47
N THR C 127 18.76 5.40 1.55
CA THR C 127 18.49 4.92 2.91
C THR C 127 17.00 4.61 3.12
N LYS C 128 16.08 5.46 2.63
CA LYS C 128 14.66 5.24 2.94
C LYS C 128 14.17 3.82 2.57
N ASP C 129 14.71 3.33 1.47
CA ASP C 129 14.29 2.08 0.85
C ASP C 129 14.70 0.90 1.66
N GLN C 130 15.59 1.12 2.60
CA GLN C 130 16.08 0.07 3.47
C GLN C 130 15.22 -0.07 4.72
N LEU C 131 14.32 0.88 4.92
CA LEU C 131 13.30 0.74 6.03
C LEU C 131 11.92 0.31 5.52
N LEU C 132 11.12 -0.30 6.40
CA LEU C 132 9.73 -0.63 6.09
C LEU C 132 8.96 0.64 5.75
N PRO C 133 7.82 0.50 5.02
CA PRO C 133 7.05 1.66 4.53
C PRO C 133 6.48 2.43 5.69
N GLY C 134 6.40 3.76 5.56
CA GLY C 134 5.84 4.60 6.61
C GLY C 134 6.73 4.83 7.84
N SER C 135 7.98 4.32 7.82
CA SER C 135 8.87 4.44 8.99
C SER C 135 9.17 5.89 9.43
N PHE C 136 9.19 6.81 8.46
CA PHE C 136 9.64 8.21 8.70
C PHE C 136 8.53 9.17 9.13
N ASP C 137 7.27 8.73 9.05
CA ASP C 137 6.14 9.61 9.43
C ASP C 137 6.30 10.31 10.80
N ASN C 138 6.64 9.53 11.85
CA ASN C 138 6.73 10.13 13.18
C ASN C 138 7.93 11.07 13.41
N VAL C 139 9.04 10.84 12.72
CA VAL C 139 10.21 11.72 12.75
C VAL C 139 10.11 12.91 11.78
N THR C 140 8.96 13.04 11.09
CA THR C 140 8.71 14.15 10.17
C THR C 140 7.97 15.27 10.92
N TYR C 141 8.57 16.46 10.92
CA TYR C 141 7.96 17.64 11.52
C TYR C 141 8.05 18.78 10.51
N ASN C 142 6.89 19.39 10.25
CA ASN C 142 6.80 20.46 9.26
C ASN C 142 7.42 19.98 7.92
N GLY C 143 7.10 18.76 7.51
CA GLY C 143 7.46 18.30 6.14
C GLY C 143 8.94 17.91 5.99
N LYS C 144 9.69 17.93 7.10
CA LYS C 144 11.12 17.70 7.09
C LYS C 144 11.43 16.56 8.03
N ILE C 145 12.53 15.86 7.78
CA ILE C 145 12.87 14.70 8.56
C ILE C 145 13.93 15.10 9.59
N TYR C 146 13.72 14.68 10.84
CA TYR C 146 14.65 14.96 11.96
C TYR C 146 15.25 13.76 12.73
N GLY C 147 15.09 12.55 12.22
CA GLY C 147 15.58 11.38 12.94
C GLY C 147 15.64 10.17 12.00
N ILE C 148 16.43 9.16 12.40
CA ILE C 148 16.52 7.89 11.69
C ILE C 148 15.73 6.89 12.56
N PRO C 149 14.57 6.40 12.08
CA PRO C 149 13.78 5.47 12.89
C PRO C 149 14.56 4.16 13.05
N PHE C 150 14.33 3.43 14.14
CA PHE C 150 14.95 2.09 14.25
C PHE C 150 14.02 0.98 14.78
N ASP C 151 12.99 1.36 15.54
CA ASP C 151 12.02 0.36 16.00
C ASP C 151 10.57 0.82 16.17
N GLN C 152 9.67 -0.13 16.30
CA GLN C 152 8.27 0.14 16.39
C GLN C 152 7.77 -0.56 17.60
N GLN C 153 6.78 0.08 18.25
CA GLN C 153 6.14 -0.57 19.41
C GLN C 153 4.77 -1.10 19.05
N ALA C 154 4.28 -2.02 19.89
CA ALA C 154 2.93 -2.54 19.76
C ALA C 154 2.53 -3.01 21.15
N SER C 155 1.24 -2.84 21.47
CA SER C 155 0.72 -3.34 22.78
C SER C 155 0.54 -4.85 22.79
N VAL C 156 0.92 -5.52 23.89
CA VAL C 156 0.82 -6.98 23.91
C VAL C 156 0.27 -7.43 25.26
N LEU C 157 -0.68 -8.40 25.25
CA LEU C 157 -1.03 -9.17 26.44
C LEU C 157 -0.17 -10.44 26.42
N TYR C 158 0.65 -10.61 27.46
CA TYR C 158 1.47 -11.80 27.64
C TYR C 158 0.73 -12.75 28.56
N ILE C 159 0.60 -14.01 28.14
CA ILE C 159 -0.10 -15.07 28.86
C ILE C 159 0.94 -16.12 29.26
N ASN C 160 1.09 -16.39 30.56
CA ASN C 160 1.86 -17.55 30.99
C ASN C 160 1.00 -18.81 30.79
N LYS C 161 1.22 -19.53 29.66
CA LYS C 161 0.37 -20.69 29.30
C LYS C 161 0.34 -21.75 30.40
N GLU C 162 1.48 -21.94 31.06
CA GLU C 162 1.63 -22.97 32.10
C GLU C 162 0.70 -22.66 33.27
N LEU C 163 0.57 -21.37 33.59
CA LEU C 163 -0.26 -20.98 34.75
C LEU C 163 -1.74 -21.16 34.40
N PHE C 164 -2.10 -20.79 33.17
CA PHE C 164 -3.49 -20.93 32.70
C PHE C 164 -3.87 -22.43 32.71
N ASP C 165 -2.98 -23.28 32.20
CA ASP C 165 -3.21 -24.75 32.09
C ASP C 165 -3.35 -25.37 33.50
N LYS C 166 -2.38 -25.06 34.36
CA LYS C 166 -2.39 -25.53 35.76
C LYS C 166 -3.71 -25.25 36.50
N TYR C 167 -4.29 -24.07 36.27
CA TYR C 167 -5.56 -23.72 36.89
C TYR C 167 -6.78 -23.83 36.02
N ASN C 168 -6.61 -24.51 34.89
CA ASN C 168 -7.55 -24.59 33.74
C ASN C 168 -8.21 -23.29 33.23
N VAL C 169 -7.75 -22.13 33.69
CA VAL C 169 -8.41 -20.84 33.29
C VAL C 169 -8.34 -20.66 31.81
N LYS C 170 -9.42 -20.26 31.11
CA LYS C 170 -9.26 -20.07 29.65
C LYS C 170 -8.63 -18.75 29.47
N VAL C 171 -7.86 -18.60 28.37
CA VAL C 171 -7.23 -17.36 28.01
C VAL C 171 -8.36 -16.39 27.62
N PRO C 172 -8.41 -15.24 28.25
CA PRO C 172 -9.58 -14.41 27.93
C PRO C 172 -9.47 -13.68 26.56
N THR C 173 -10.57 -13.57 25.84
CA THR C 173 -10.60 -12.92 24.54
C THR C 173 -11.44 -11.63 24.52
N THR C 174 -12.22 -11.39 25.60
CA THR C 174 -13.13 -10.24 25.77
C THR C 174 -12.85 -9.65 27.16
N PHE C 175 -13.22 -8.39 27.35
CA PHE C 175 -13.02 -7.77 28.65
C PHE C 175 -13.62 -8.54 29.81
N SER C 176 -14.90 -8.90 29.63
CA SER C 176 -15.66 -9.67 30.62
C SER C 176 -14.90 -10.91 31.00
N GLU C 177 -14.32 -11.62 30.00
CA GLU C 177 -13.53 -12.82 30.26
C GLU C 177 -12.26 -12.50 31.09
N LEU C 178 -11.64 -11.36 30.79
CA LEU C 178 -10.47 -10.89 31.52
C LEU C 178 -10.80 -10.67 32.98
N ILE C 179 -11.93 -10.01 33.28
CA ILE C 179 -12.32 -9.81 34.71
C ILE C 179 -12.52 -11.13 35.45
N ASP C 180 -13.22 -12.09 34.82
CA ASP C 180 -13.42 -13.39 35.45
C ASP C 180 -12.11 -14.20 35.68
N ALA C 181 -11.24 -14.24 34.65
CA ALA C 181 -9.91 -14.83 34.79
C ALA C 181 -9.16 -14.21 35.97
N ILE C 182 -9.19 -12.88 36.06
CA ILE C 182 -8.50 -12.17 37.14
C ILE C 182 -9.14 -12.65 38.45
N LYS C 183 -10.48 -12.63 38.51
CA LYS C 183 -11.14 -13.15 39.74
C LYS C 183 -10.76 -14.60 40.10
N THR C 184 -10.71 -15.46 39.06
CA THR C 184 -10.37 -16.89 39.22
C THR C 184 -8.97 -17.05 39.76
N PHE C 185 -7.98 -16.42 39.10
CA PHE C 185 -6.60 -16.50 39.60
C PHE C 185 -6.42 -16.01 41.01
N LYS C 186 -7.09 -14.91 41.32
CA LYS C 186 -6.98 -14.32 42.64
C LYS C 186 -7.46 -15.30 43.67
N SER C 187 -8.55 -16.00 43.37
CA SER C 187 -9.15 -17.03 44.26
C SER C 187 -8.29 -18.30 44.38
N LYS C 188 -7.34 -18.51 43.45
CA LYS C 188 -6.24 -19.55 43.58
C LYS C 188 -4.90 -19.08 44.26
N GLY C 189 -4.94 -17.86 44.77
CA GLY C 189 -3.77 -17.19 45.37
C GLY C 189 -2.74 -16.86 44.32
N VAL C 190 -3.19 -16.70 43.08
CA VAL C 190 -2.27 -16.37 41.93
C VAL C 190 -2.36 -14.89 41.47
N THR C 191 -1.26 -14.15 41.55
CA THR C 191 -1.24 -12.77 41.07
C THR C 191 -1.64 -12.72 39.58
N PRO C 192 -2.80 -12.08 39.26
CA PRO C 192 -3.30 -12.13 37.88
C PRO C 192 -2.38 -11.35 36.96
N PHE C 193 -2.01 -10.14 37.35
CA PHE C 193 -1.12 -9.33 36.53
C PHE C 193 0.09 -8.92 37.35
N ALA C 194 1.30 -9.07 36.76
CA ALA C 194 2.49 -8.44 37.31
C ALA C 194 2.50 -7.03 36.80
N LEU C 195 2.23 -6.04 37.67
CA LEU C 195 2.42 -4.61 37.24
C LEU C 195 3.40 -3.80 38.15
N GLY C 196 4.35 -3.03 37.55
CA GLY C 196 5.08 -2.03 38.31
C GLY C 196 4.68 -0.62 37.94
N GLU C 197 3.96 0.08 38.84
CA GLU C 197 3.35 1.39 38.51
C GLU C 197 4.11 2.66 39.02
N LYS C 198 5.26 2.46 39.65
CA LYS C 198 6.06 3.57 40.26
C LYS C 198 6.47 4.74 39.33
N ASP C 199 6.80 4.38 38.08
CA ASP C 199 7.20 5.33 37.10
C ASP C 199 6.01 5.70 36.23
N GLU C 200 4.79 5.23 36.60
CA GLU C 200 3.48 5.63 35.99
C GLU C 200 3.18 5.27 34.53
N TRP C 201 4.21 5.34 33.68
CA TRP C 201 4.01 4.97 32.31
C TRP C 201 3.53 3.53 32.10
N PRO C 202 4.04 2.53 32.82
CA PRO C 202 3.52 1.18 32.48
C PRO C 202 1.99 1.01 32.69
N GLY C 203 1.42 1.54 33.78
CA GLY C 203 -0.03 1.41 34.02
C GLY C 203 -0.86 2.25 33.08
N MET C 204 -0.22 3.33 32.60
CA MET C 204 -0.80 4.26 31.68
C MET C 204 -1.17 3.47 30.39
N TRP C 205 -0.23 2.71 29.80
CA TRP C 205 -0.59 1.65 28.77
C TRP C 205 -1.96 0.92 28.88
N TYR C 206 -2.27 0.46 30.10
CA TYR C 206 -3.53 -0.20 30.37
C TYR C 206 -4.64 0.77 30.08
N TYR C 207 -4.56 1.99 30.63
CA TYR C 207 -5.68 2.95 30.45
C TYR C 207 -5.81 3.38 29.00
N ASP C 208 -4.71 3.83 28.40
CA ASP C 208 -4.70 4.09 26.93
C ASP C 208 -5.35 3.00 26.08
N MET C 209 -4.94 1.74 26.32
CA MET C 209 -5.47 0.63 25.53
C MET C 209 -6.97 0.53 25.68
N ILE C 210 -7.44 0.63 26.93
CA ILE C 210 -8.85 0.51 27.20
C ILE C 210 -9.59 1.66 26.53
N ALA C 211 -9.09 2.90 26.65
CA ALA C 211 -9.67 4.09 25.89
C ALA C 211 -9.70 3.81 24.39
N LEU C 212 -8.68 3.16 23.86
CA LEU C 212 -8.72 2.82 22.39
C LEU C 212 -9.80 1.82 22.03
N ARG C 213 -9.98 0.84 22.92
CA ARG C 213 -11.06 -0.09 22.74
C ARG C 213 -12.45 0.55 22.92
N GLU C 214 -12.60 1.46 23.89
CA GLU C 214 -13.93 2.10 24.20
C GLU C 214 -14.39 3.11 23.14
N GLY C 215 -13.45 3.91 22.67
CA GLY C 215 -13.76 5.09 21.83
C GLY C 215 -13.33 4.98 20.37
N GLY C 216 -12.42 4.05 20.06
CA GLY C 216 -11.74 3.96 18.75
C GLY C 216 -10.59 4.94 18.54
N VAL C 217 -9.84 4.78 17.41
CA VAL C 217 -8.62 5.54 17.16
C VAL C 217 -8.84 7.03 16.94
N GLN C 218 -9.92 7.36 16.23
CA GLN C 218 -10.16 8.71 15.82
C GLN C 218 -10.41 9.57 17.08
N LEU C 219 -11.15 9.04 18.03
CA LEU C 219 -11.52 9.84 19.20
C LEU C 219 -10.34 10.11 20.14
N THR C 220 -9.45 9.10 20.34
CA THR C 220 -8.20 9.28 21.02
C THR C 220 -7.36 10.40 20.33
N ARG C 221 -7.18 10.25 19.01
CA ARG C 221 -6.36 11.18 18.25
C ARG C 221 -6.89 12.62 18.48
N ASP C 222 -8.21 12.77 18.37
CA ASP C 222 -8.92 14.05 18.49
C ASP C 222 -8.83 14.67 19.87
N ALA C 223 -8.90 13.85 20.92
CA ALA C 223 -8.76 14.34 22.26
C ALA C 223 -7.32 14.80 22.46
N LEU C 224 -6.37 14.05 21.90
CA LEU C 224 -4.96 14.35 22.12
C LEU C 224 -4.52 15.60 21.33
N ASN C 225 -5.21 15.84 20.21
CA ASN C 225 -4.98 16.98 19.33
C ASN C 225 -5.80 18.24 19.71
N GLY C 226 -6.56 18.15 20.80
CA GLY C 226 -7.52 19.21 21.18
C GLY C 226 -8.75 19.45 20.32
N LYS C 227 -9.09 18.50 19.43
CA LYS C 227 -10.27 18.57 18.54
C LYS C 227 -11.54 18.05 19.23
N ALA C 228 -11.34 17.34 20.33
CA ALA C 228 -12.43 16.81 21.18
C ALA C 228 -12.06 17.03 22.66
N SER C 229 -13.07 16.98 23.52
CA SER C 229 -12.83 17.04 24.94
C SER C 229 -12.47 15.63 25.48
N PHE C 230 -11.56 15.59 26.46
CA PHE C 230 -11.27 14.39 27.26
C PHE C 230 -12.44 13.95 28.17
N ASP C 231 -13.27 14.90 28.53
CA ASP C 231 -14.43 14.60 29.37
C ASP C 231 -15.54 14.05 28.46
N ASN C 232 -15.40 12.79 28.08
CA ASN C 232 -16.29 12.12 27.16
C ASN C 232 -16.55 10.73 27.76
N GLN C 233 -17.74 10.19 27.58
CA GLN C 233 -18.12 8.93 28.26
C GLN C 233 -17.17 7.74 27.98
N ALA C 234 -16.75 7.65 26.72
CA ALA C 234 -15.86 6.57 26.31
C ALA C 234 -14.64 6.50 27.22
N PHE C 235 -14.09 7.67 27.58
CA PHE C 235 -12.83 7.82 28.34
C PHE C 235 -13.10 7.65 29.83
N THR C 236 -14.21 8.19 30.33
CA THR C 236 -14.66 7.90 31.68
C THR C 236 -14.86 6.37 31.80
N ASP C 237 -15.71 5.82 30.92
CA ASP C 237 -15.95 4.37 30.81
C ASP C 237 -14.68 3.54 30.78
N ALA C 238 -13.61 4.02 30.09
CA ALA C 238 -12.28 3.37 30.22
C ALA C 238 -11.69 3.44 31.65
N ALA C 239 -11.83 4.58 32.31
CA ALA C 239 -11.28 4.76 33.67
C ALA C 239 -12.05 3.82 34.59
N GLN C 240 -13.37 3.82 34.45
CA GLN C 240 -14.20 2.89 35.21
C GLN C 240 -13.65 1.45 35.01
N LYS C 241 -13.47 1.02 33.76
CA LYS C 241 -12.90 -0.33 33.52
C LYS C 241 -11.49 -0.62 34.06
N LEU C 242 -10.62 0.40 34.17
CA LEU C 242 -9.29 0.20 34.77
C LEU C 242 -9.46 -0.13 36.28
N GLN C 243 -10.35 0.65 36.94
CA GLN C 243 -10.65 0.46 38.39
C GLN C 243 -11.31 -0.92 38.70
N ASP C 244 -12.17 -1.37 37.79
CA ASP C 244 -12.69 -2.74 37.75
C ASP C 244 -11.59 -3.82 37.87
N MET C 245 -10.50 -3.64 37.13
CA MET C 245 -9.36 -4.56 37.26
C MET C 245 -8.73 -4.40 38.63
N VAL C 246 -8.62 -3.16 39.11
CA VAL C 246 -8.04 -2.93 40.46
C VAL C 246 -8.87 -3.67 41.53
N ASN C 247 -10.17 -3.36 41.54
CA ASN C 247 -11.14 -3.94 42.43
C ASN C 247 -11.34 -5.45 42.32
N ALA C 248 -11.16 -6.00 41.11
CA ALA C 248 -11.16 -7.45 40.86
C ALA C 248 -9.93 -8.08 41.44
N GLY C 249 -8.90 -7.27 41.71
CA GLY C 249 -7.65 -7.70 42.36
C GLY C 249 -6.65 -8.21 41.31
N ALA C 250 -6.65 -7.56 40.15
CA ALA C 250 -5.60 -7.81 39.14
C ALA C 250 -4.15 -7.65 39.65
N PHE C 251 -3.91 -6.77 40.64
CA PHE C 251 -2.52 -6.38 40.98
C PHE C 251 -2.12 -6.75 42.40
N ASP C 252 -0.86 -7.11 42.59
CA ASP C 252 -0.33 -7.33 43.94
C ASP C 252 -0.52 -6.07 44.78
N SER C 253 -0.68 -6.24 46.09
CA SER C 253 -0.84 -5.09 47.00
C SER C 253 0.15 -3.89 46.77
N GLY C 254 1.45 -4.17 46.70
CA GLY C 254 2.44 -3.09 46.52
C GLY C 254 2.84 -2.67 45.10
N PHE C 255 1.97 -2.93 44.13
CA PHE C 255 2.30 -2.71 42.70
C PHE C 255 2.71 -1.26 42.43
N MET C 256 2.12 -0.29 43.16
CA MET C 256 2.41 1.15 42.93
C MET C 256 3.84 1.56 43.33
N GLY C 257 4.49 0.73 44.14
CA GLY C 257 5.89 0.95 44.56
C GLY C 257 6.94 0.22 43.74
N LEU C 258 6.51 -0.50 42.71
CA LEU C 258 7.40 -1.31 41.90
C LEU C 258 7.53 -0.69 40.50
N THR C 259 8.73 -0.86 39.93
CA THR C 259 9.08 -0.33 38.60
C THR C 259 8.71 -1.31 37.51
N ARG C 260 8.81 -0.91 36.24
CA ARG C 260 8.61 -1.83 35.12
C ARG C 260 9.54 -3.08 35.27
N ASP C 261 10.82 -2.82 35.53
CA ASP C 261 11.84 -3.90 35.62
C ASP C 261 11.59 -4.89 36.77
N GLU C 262 11.06 -4.40 37.89
CA GLU C 262 10.64 -5.27 38.98
C GLU C 262 9.43 -6.10 38.56
N ALA C 263 8.56 -5.52 37.74
CA ALA C 263 7.40 -6.25 37.26
C ALA C 263 7.76 -7.37 36.25
N THR C 264 8.59 -7.05 35.25
CA THR C 264 9.09 -8.07 34.32
C THR C 264 9.88 -9.21 35.06
N ALA C 265 10.59 -8.87 36.12
CA ALA C 265 11.24 -9.92 36.93
C ALA C 265 10.19 -10.82 37.64
N GLU C 266 9.15 -10.21 38.20
CA GLU C 266 7.97 -10.94 38.70
C GLU C 266 7.47 -11.96 37.68
N PHE C 267 7.09 -11.45 36.50
CA PHE C 267 6.52 -12.27 35.45
C PHE C 267 7.46 -13.31 34.93
N ASN C 268 8.74 -12.97 34.80
CA ASN C 268 9.73 -13.91 34.26
C ASN C 268 10.14 -14.99 35.25
N GLN C 269 9.83 -14.77 36.54
CA GLN C 269 10.01 -15.81 37.56
C GLN C 269 8.76 -16.69 37.72
N GLY C 270 7.78 -16.46 36.87
CA GLY C 270 6.55 -17.28 36.87
C GLY C 270 5.59 -16.91 37.97
N LYS C 271 5.65 -15.66 38.44
CA LYS C 271 4.89 -15.26 39.63
C LYS C 271 3.60 -14.50 39.33
N ALA C 272 3.25 -14.41 38.05
CA ALA C 272 1.93 -13.82 37.67
C ALA C 272 1.38 -14.47 36.43
N ALA C 273 0.04 -14.61 36.36
CA ALA C 273 -0.68 -15.14 35.13
C ALA C 273 -0.38 -14.35 33.85
N MET C 274 -0.52 -12.99 33.95
CA MET C 274 -0.47 -12.02 32.85
C MET C 274 0.39 -10.78 33.11
N TYR C 275 0.77 -10.13 31.98
CA TYR C 275 1.48 -8.82 31.95
C TYR C 275 0.97 -8.15 30.73
N PHE C 276 0.79 -6.84 30.84
CA PHE C 276 0.42 -6.12 29.67
C PHE C 276 1.33 -4.93 29.39
N GLY C 277 1.83 -4.82 28.18
CA GLY C 277 2.65 -3.68 27.99
C GLY C 277 3.15 -3.63 26.61
N GLY C 278 4.32 -3.04 26.49
CA GLY C 278 4.99 -2.93 25.22
C GLY C 278 5.58 -4.26 24.75
N ASN C 279 5.63 -4.41 23.43
CA ASN C 279 6.33 -5.53 22.86
C ASN C 279 7.83 -5.60 23.34
N PHE C 280 8.43 -4.44 23.72
CA PHE C 280 9.91 -4.34 24.03
C PHE C 280 10.23 -5.12 25.29
N ASP C 281 9.17 -5.31 26.10
CA ASP C 281 9.27 -6.13 27.31
C ASP C 281 9.42 -7.60 27.04
N ALA C 282 9.11 -8.03 25.81
CA ALA C 282 9.30 -9.47 25.44
C ALA C 282 10.62 -10.03 25.79
N ALA C 283 11.69 -9.26 25.53
CA ALA C 283 13.07 -9.77 25.74
C ALA C 283 13.32 -10.17 27.19
N ALA C 284 12.68 -9.50 28.16
CA ALA C 284 12.82 -9.87 29.61
C ALA C 284 12.28 -11.27 29.88
N PHE C 285 11.43 -11.77 28.99
CA PHE C 285 10.76 -13.08 29.23
C PHE C 285 11.45 -14.21 28.47
N VAL C 286 12.00 -13.86 27.29
CA VAL C 286 12.52 -14.86 26.38
C VAL C 286 14.01 -14.67 26.03
N SER C 287 14.60 -13.57 26.46
CA SER C 287 16.01 -13.38 26.18
C SER C 287 16.88 -13.25 27.42
N ASP C 288 16.33 -12.67 28.48
CA ASP C 288 17.04 -12.49 29.75
C ASP C 288 17.43 -13.87 30.28
N PRO C 289 18.73 -14.10 30.56
CA PRO C 289 19.16 -15.41 30.98
C PRO C 289 18.51 -15.89 32.29
N SER C 290 17.97 -14.95 33.08
CA SER C 290 17.37 -15.22 34.42
C SER C 290 15.97 -15.79 34.27
N SER C 291 15.35 -15.51 33.12
CA SER C 291 13.96 -15.95 32.92
C SER C 291 13.75 -17.45 33.12
N LEU C 292 12.64 -17.79 33.77
CA LEU C 292 12.15 -19.16 33.95
C LEU C 292 10.90 -19.48 33.12
N VAL C 293 10.50 -18.53 32.29
CA VAL C 293 9.30 -18.69 31.48
C VAL C 293 9.56 -18.81 29.96
N LYS C 294 10.82 -18.86 29.53
CA LYS C 294 11.06 -18.97 28.08
C LYS C 294 10.36 -20.24 27.56
N GLY C 295 9.58 -20.09 26.50
CA GLY C 295 8.82 -21.21 25.90
C GLY C 295 7.44 -21.40 26.53
N LYS C 296 7.20 -20.74 27.66
CA LYS C 296 5.91 -20.81 28.36
C LYS C 296 4.93 -19.66 28.06
N ILE C 297 5.40 -18.70 27.25
CA ILE C 297 4.72 -17.37 27.04
C ILE C 297 4.12 -17.19 25.65
N GLU C 298 2.86 -16.74 25.65
CA GLU C 298 2.07 -16.47 24.44
C GLU C 298 1.71 -14.98 24.44
N ALA C 299 1.87 -14.35 23.26
CA ALA C 299 1.45 -12.98 23.00
C ALA C 299 0.10 -12.97 22.25
N VAL C 300 -0.86 -12.23 22.81
CA VAL C 300 -2.18 -11.96 22.23
C VAL C 300 -2.55 -10.44 22.22
N ARG C 301 -3.48 -10.08 21.35
CA ARG C 301 -4.09 -8.76 21.35
C ARG C 301 -4.77 -8.49 22.66
N PHE C 302 -4.93 -7.23 23.00
CA PHE C 302 -5.79 -6.91 24.18
C PHE C 302 -7.20 -7.34 23.77
N PRO C 303 -8.00 -7.81 24.75
CA PRO C 303 -9.35 -8.28 24.48
C PRO C 303 -10.29 -7.20 23.95
N THR C 304 -11.34 -7.68 23.25
CA THR C 304 -12.44 -6.84 22.86
C THR C 304 -13.26 -6.35 24.03
N ILE C 305 -13.91 -5.21 23.84
CA ILE C 305 -14.75 -4.62 24.89
C ILE C 305 -16.14 -4.43 24.31
N GLU C 306 -17.12 -5.16 24.90
CA GLU C 306 -18.51 -5.13 24.43
C GLU C 306 -19.02 -3.69 24.45
N GLY C 307 -19.62 -3.25 23.37
CA GLY C 307 -20.20 -1.91 23.40
C GLY C 307 -19.24 -0.80 23.00
N GLY C 308 -17.94 -1.13 22.98
CA GLY C 308 -16.90 -0.21 22.53
C GLY C 308 -16.91 0.07 21.02
N LYS C 309 -16.43 1.26 20.64
CA LYS C 309 -16.40 1.65 19.25
C LYS C 309 -15.12 1.21 18.50
N GLY C 310 -14.07 0.85 19.23
CA GLY C 310 -12.82 0.44 18.60
C GLY C 310 -12.95 -0.81 17.73
N ASP C 311 -12.22 -0.85 16.61
CA ASP C 311 -12.01 -2.09 15.89
C ASP C 311 -11.09 -2.98 16.77
N PRO C 312 -11.37 -4.32 16.87
CA PRO C 312 -10.59 -5.16 17.80
C PRO C 312 -9.11 -5.35 17.47
N THR C 313 -8.69 -4.85 16.30
CA THR C 313 -7.30 -5.02 15.84
C THR C 313 -6.41 -3.75 16.04
N GLU C 314 -7.04 -2.65 16.44
CA GLU C 314 -6.26 -1.43 16.72
C GLU C 314 -5.34 -1.69 17.90
N TYR C 315 -4.15 -1.08 17.85
CA TYR C 315 -3.18 -1.25 18.91
C TYR C 315 -2.53 0.05 19.34
N ILE C 316 -2.09 0.09 20.60
CA ILE C 316 -1.27 1.19 21.07
C ILE C 316 0.16 0.83 20.63
N GLY C 317 0.82 1.75 19.94
CA GLY C 317 2.24 1.57 19.59
C GLY C 317 2.47 2.38 18.27
N GLY C 318 3.34 1.90 17.36
CA GLY C 318 3.67 2.71 16.13
C GLY C 318 5.19 2.77 16.00
N THR C 319 5.68 3.41 14.93
CA THR C 319 7.14 3.52 14.71
C THR C 319 7.65 4.75 15.46
N VAL C 320 8.20 4.52 16.64
CA VAL C 320 8.47 5.65 17.51
C VAL C 320 9.89 5.62 18.01
N GLY C 321 10.58 4.47 17.94
CA GLY C 321 11.97 4.44 18.42
C GLY C 321 12.83 5.06 17.31
N ALA C 322 13.60 6.09 17.62
CA ALA C 322 14.47 6.74 16.61
C ALA C 322 15.79 7.22 17.26
N LEU C 323 16.78 7.45 16.39
CA LEU C 323 18.04 8.14 16.74
C LEU C 323 18.02 9.55 16.15
N MSE C 324 18.39 10.55 16.97
CA MSE C 324 18.51 11.95 16.48
C MSE C 324 19.95 12.40 16.62
O MSE C 324 20.70 11.91 17.48
CB MSE C 324 17.51 12.81 17.22
CG MSE C 324 16.12 12.59 16.61
SE MSE C 324 14.89 13.82 17.56
CE MSE C 324 13.37 13.43 16.38
N VAL C 325 20.34 13.33 15.74
CA VAL C 325 21.64 13.96 15.74
C VAL C 325 21.43 15.40 16.23
N SER C 326 22.22 15.80 17.21
CA SER C 326 22.14 17.18 17.72
C SER C 326 22.52 18.24 16.70
N ALA C 327 21.80 19.38 16.71
CA ALA C 327 22.02 20.45 15.72
C ALA C 327 23.43 21.02 15.90
N ASN C 328 23.93 21.00 17.13
CA ASN C 328 25.28 21.55 17.47
C ASN C 328 26.42 20.53 17.48
N SER C 329 26.21 19.37 16.87
CA SER C 329 27.33 18.46 16.68
C SER C 329 28.39 19.18 15.83
N LYS C 330 29.65 18.97 16.20
CA LYS C 330 30.76 19.48 15.41
C LYS C 330 30.96 18.61 14.13
N TYR C 331 30.58 17.34 14.22
CA TYR C 331 30.84 16.38 13.14
C TYR C 331 29.53 15.83 12.60
N LYS C 332 28.78 16.72 11.95
CA LYS C 332 27.43 16.40 11.47
C LYS C 332 27.39 15.30 10.43
N ASP C 333 28.26 15.39 9.41
CA ASP C 333 28.32 14.37 8.36
C ASP C 333 28.64 12.98 9.01
N GLU C 334 29.60 12.95 9.92
CA GLU C 334 30.03 11.69 10.55
C GLU C 334 28.96 11.12 11.50
N ALA C 335 28.35 12.02 12.28
CA ALA C 335 27.23 11.68 13.18
C ALA C 335 25.98 11.07 12.49
N VAL C 336 25.62 11.60 11.31
CA VAL C 336 24.52 11.02 10.51
C VAL C 336 24.95 9.64 9.97
N ARG C 337 26.23 9.47 9.58
CA ARG C 337 26.66 8.20 9.00
C ARG C 337 26.59 7.10 10.04
N ALA C 338 27.15 7.40 11.21
CA ALA C 338 27.03 6.54 12.35
C ALA C 338 25.62 6.25 12.75
N ALA C 339 24.78 7.30 12.87
CA ALA C 339 23.38 7.11 13.27
C ALA C 339 22.73 6.10 12.30
N LYS C 340 22.87 6.33 10.98
CA LYS C 340 22.37 5.36 9.99
C LYS C 340 22.76 3.91 10.23
N TYR C 341 24.02 3.71 10.54
CA TYR C 341 24.56 2.35 10.90
C TYR C 341 23.98 1.87 12.24
N LEU C 342 24.05 2.70 13.25
CA LEU C 342 23.54 2.29 14.56
C LEU C 342 22.06 1.92 14.53
N ALA C 343 21.26 2.70 13.80
CA ALA C 343 19.82 2.45 13.67
C ALA C 343 19.52 1.07 13.06
N LYS C 344 20.10 0.81 11.88
CA LYS C 344 19.98 -0.51 11.26
C LYS C 344 20.40 -1.65 12.20
N GLN C 345 21.55 -1.51 12.86
CA GLN C 345 22.01 -2.55 13.80
C GLN C 345 21.09 -2.79 15.00
N LEU C 346 20.60 -1.71 15.60
CA LEU C 346 19.65 -1.77 16.71
C LEU C 346 18.36 -2.45 16.25
N SER C 347 17.88 -2.10 15.04
CA SER C 347 16.64 -2.69 14.48
C SER C 347 16.79 -4.23 14.34
N ASP C 348 17.91 -4.69 13.75
CA ASP C 348 18.17 -6.15 13.61
C ASP C 348 18.37 -6.84 14.99
N MET C 349 19.08 -6.17 15.88
CA MET C 349 19.26 -6.67 17.24
C MET C 349 17.86 -6.89 17.88
N ASP C 350 17.01 -5.85 17.80
CA ASP C 350 15.65 -5.83 18.43
C ASP C 350 14.85 -7.04 17.96
N TYR C 351 14.84 -7.22 16.65
CA TYR C 351 14.19 -8.37 15.99
C TYR C 351 14.68 -9.73 16.52
N LEU C 352 16.00 -9.87 16.67
CA LEU C 352 16.59 -11.13 17.09
C LEU C 352 16.36 -11.46 18.56
N ILE C 353 16.43 -10.44 19.41
CA ILE C 353 16.30 -10.60 20.84
C ILE C 353 14.95 -10.15 21.45
N ALA C 354 14.05 -9.60 20.65
CA ALA C 354 12.69 -9.20 21.08
C ALA C 354 12.63 -8.00 22.05
N THR C 355 13.66 -7.17 22.01
CA THR C 355 13.67 -5.87 22.71
C THR C 355 12.89 -4.81 21.94
N GLY C 356 12.64 -5.08 20.66
CA GLY C 356 11.76 -4.22 19.87
C GLY C 356 11.17 -4.89 18.64
N LEU C 357 10.34 -4.14 17.91
CA LEU C 357 9.91 -4.53 16.57
C LEU C 357 10.72 -3.73 15.52
N PRO C 358 11.34 -4.42 14.51
CA PRO C 358 12.30 -3.74 13.63
C PRO C 358 11.63 -2.70 12.75
N ALA C 359 12.28 -1.55 12.57
CA ALA C 359 11.81 -0.57 11.58
C ALA C 359 12.50 -0.74 10.24
N TRP C 360 13.67 -1.36 10.28
CA TRP C 360 14.44 -1.57 9.04
C TRP C 360 14.06 -2.91 8.49
N LYS C 361 14.24 -3.08 7.19
CA LYS C 361 13.89 -4.37 6.55
C LYS C 361 14.90 -5.36 7.12
N TYR C 362 14.54 -6.64 7.08
CA TYR C 362 15.26 -7.62 7.86
C TYR C 362 15.43 -8.92 7.05
N ASP C 363 15.46 -8.79 5.72
CA ASP C 363 15.78 -9.91 4.79
C ASP C 363 17.17 -10.50 5.04
N ASN C 364 18.13 -9.66 5.45
CA ASN C 364 19.45 -10.15 5.84
C ASN C 364 19.51 -11.10 7.04
N ILE C 365 18.41 -11.20 7.79
CA ILE C 365 18.35 -11.95 9.07
C ILE C 365 17.79 -13.36 8.88
N ASP C 366 18.38 -14.34 9.57
CA ASP C 366 17.91 -15.71 9.53
C ASP C 366 16.75 -15.90 10.50
N GLN C 367 15.56 -15.98 9.91
CA GLN C 367 14.30 -16.16 10.60
C GLN C 367 14.31 -17.28 11.66
N SER C 368 15.14 -18.30 11.46
CA SER C 368 15.21 -19.43 12.38
C SER C 368 15.90 -19.07 13.71
N LYS C 369 16.58 -17.91 13.72
CA LYS C 369 17.24 -17.36 14.89
C LYS C 369 16.32 -16.44 15.73
N VAL C 370 15.23 -16.02 15.13
CA VAL C 370 14.37 -15.07 15.83
C VAL C 370 13.40 -15.80 16.79
N ASP C 371 13.10 -15.17 17.93
CA ASP C 371 12.36 -15.88 18.95
C ASP C 371 10.91 -16.01 18.52
N PRO C 372 10.29 -17.18 18.80
CA PRO C 372 8.91 -17.37 18.41
C PRO C 372 7.96 -16.31 18.93
N LEU C 373 8.22 -15.78 20.13
CA LEU C 373 7.42 -14.75 20.74
C LEU C 373 7.47 -13.43 19.96
N GLU C 374 8.64 -13.10 19.43
CA GLU C 374 8.77 -11.97 18.50
C GLU C 374 7.88 -12.09 17.24
N ILE C 375 7.97 -13.26 16.59
CA ILE C 375 7.15 -13.60 15.42
C ILE C 375 5.66 -13.54 15.79
N GLN C 376 5.36 -14.07 16.95
CA GLN C 376 3.96 -14.10 17.42
C GLN C 376 3.35 -12.69 17.57
N ILE C 377 4.14 -11.79 18.20
CA ILE C 377 3.79 -10.40 18.31
C ILE C 377 3.47 -9.90 16.92
N MET C 378 4.40 -10.04 15.97
CA MET C 378 4.09 -9.70 14.57
C MET C 378 2.73 -10.26 14.08
N ASN C 379 2.55 -11.57 14.22
CA ASN C 379 1.35 -12.31 13.77
C ASN C 379 0.02 -12.10 14.53
N ASN C 380 0.05 -12.26 15.83
CA ASN C 380 -1.13 -12.02 16.66
C ASN C 380 -1.49 -10.56 16.88
N ILE C 381 -0.53 -9.63 16.74
CA ILE C 381 -0.84 -8.22 17.03
C ILE C 381 -0.68 -7.27 15.85
N VAL C 382 0.53 -7.24 15.30
CA VAL C 382 0.76 -6.22 14.32
C VAL C 382 0.09 -6.49 12.94
N ALA C 383 0.24 -7.70 12.43
CA ALA C 383 -0.28 -8.09 11.09
C ALA C 383 -1.78 -7.79 10.88
N ASN C 384 -2.11 -7.18 9.73
CA ASN C 384 -3.48 -6.79 9.35
C ASN C 384 -4.21 -5.83 10.31
N ALA C 385 -3.48 -5.22 11.25
CA ALA C 385 -4.07 -4.30 12.22
C ALA C 385 -4.76 -3.14 11.49
N LYS C 386 -5.90 -2.72 12.02
CA LYS C 386 -6.69 -1.66 11.38
C LYS C 386 -6.07 -0.23 11.45
N GLY C 387 -5.91 0.31 12.67
CA GLY C 387 -5.02 1.43 12.93
C GLY C 387 -4.25 1.33 14.26
N SER C 388 -3.58 2.42 14.64
CA SER C 388 -2.78 2.37 15.83
C SER C 388 -2.45 3.80 16.16
N VAL C 389 -2.05 4.02 17.41
CA VAL C 389 -1.71 5.34 17.92
C VAL C 389 -0.69 5.17 19.05
N PRO C 390 0.34 6.05 19.13
CA PRO C 390 1.35 5.83 20.21
C PRO C 390 0.79 6.03 21.61
N ALA C 391 1.49 5.52 22.60
CA ALA C 391 1.13 5.73 24.02
C ALA C 391 1.06 7.22 24.27
N TRP C 392 0.15 7.61 25.18
CA TRP C 392 -0.17 9.08 25.29
C TRP C 392 0.96 9.93 25.84
N ASP C 393 1.83 9.33 26.66
CA ASP C 393 2.99 10.02 27.17
C ASP C 393 4.09 10.27 26.12
N ILE C 394 4.11 9.45 25.05
CA ILE C 394 4.95 9.70 23.84
C ILE C 394 4.23 10.63 22.87
N TYR C 395 2.89 10.64 22.87
CA TYR C 395 2.10 11.44 21.88
C TYR C 395 1.94 12.90 22.39
N LEU C 396 1.55 13.04 23.65
CA LEU C 396 1.56 14.32 24.33
C LEU C 396 2.98 14.61 24.72
N SER C 397 3.28 15.85 25.09
CA SER C 397 4.63 16.15 25.63
C SER C 397 4.51 16.98 26.88
N GLY C 398 5.63 17.09 27.60
CA GLY C 398 5.81 18.01 28.69
C GLY C 398 4.84 17.78 29.81
N ASP C 399 4.19 18.88 30.16
CA ASP C 399 3.21 18.92 31.22
C ASP C 399 1.93 18.13 30.93
N ALA C 400 1.49 18.12 29.68
CA ALA C 400 0.29 17.35 29.33
C ALA C 400 0.56 15.87 29.57
N ALA C 401 1.76 15.42 29.23
CA ALA C 401 2.01 13.97 29.34
C ALA C 401 2.18 13.55 30.81
N GLN C 402 2.76 14.46 31.61
CA GLN C 402 2.87 14.16 33.01
C GLN C 402 1.48 14.16 33.66
N THR C 403 0.62 15.09 33.25
CA THR C 403 -0.76 15.21 33.78
C THR C 403 -1.51 13.84 33.68
N HIS C 404 -1.56 13.31 32.46
CA HIS C 404 -2.12 11.98 32.17
C HIS C 404 -1.52 10.93 33.08
N LYS C 405 -0.19 10.81 33.08
CA LYS C 405 0.48 9.83 33.93
C LYS C 405 0.10 9.95 35.38
N ASP C 406 -0.02 11.19 35.90
CA ASP C 406 -0.27 11.33 37.37
C ASP C 406 -1.69 10.95 37.76
N LEU C 407 -2.62 11.37 36.91
CA LEU C 407 -4.03 11.10 37.06
C LEU C 407 -4.41 9.65 36.79
N VAL C 408 -3.78 9.02 35.81
CA VAL C 408 -4.04 7.59 35.67
C VAL C 408 -3.55 6.97 36.97
N ALA C 409 -2.40 7.44 37.48
CA ALA C 409 -1.87 6.82 38.70
C ALA C 409 -2.93 6.89 39.83
N GLN C 410 -3.56 8.06 39.99
CA GLN C 410 -4.65 8.26 40.98
C GLN C 410 -5.93 7.40 40.77
N LEU C 411 -6.20 7.01 39.51
CA LEU C 411 -7.18 5.96 39.23
C LEU C 411 -6.80 4.61 39.82
N PHE C 412 -5.57 4.16 39.54
CA PHE C 412 -5.08 2.88 40.14
C PHE C 412 -5.15 2.90 41.67
N ALA C 413 -5.00 4.10 42.23
CA ALA C 413 -4.78 4.31 43.68
C ALA C 413 -6.10 4.49 44.36
N LYS C 414 -7.16 4.53 43.56
CA LYS C 414 -8.53 4.70 44.08
C LYS C 414 -8.67 6.06 44.80
N GLN C 415 -7.88 7.05 44.36
CA GLN C 415 -7.91 8.43 44.91
C GLN C 415 -8.69 9.43 44.04
N ILE C 416 -8.91 9.08 42.78
CA ILE C 416 -9.83 9.83 41.96
C ILE C 416 -10.94 8.88 41.46
N THR C 417 -12.14 9.44 41.26
CA THR C 417 -13.21 8.77 40.51
C THR C 417 -13.00 8.92 39.00
N PRO C 418 -13.62 8.03 38.16
CA PRO C 418 -13.61 8.19 36.68
C PRO C 418 -14.12 9.54 36.19
N GLU C 419 -15.22 10.03 36.78
CA GLU C 419 -15.82 11.30 36.40
C GLU C 419 -14.89 12.46 36.74
N GLU C 420 -14.29 12.42 37.94
CA GLU C 420 -13.29 13.44 38.30
C GLU C 420 -12.05 13.28 37.46
N TYR C 421 -11.74 12.04 37.10
CA TYR C 421 -10.62 11.79 36.23
C TYR C 421 -10.76 12.55 34.93
N SER C 422 -11.92 12.39 34.27
CA SER C 422 -12.14 12.93 32.94
C SER C 422 -12.26 14.44 32.96
N LYS C 423 -12.89 14.97 34.02
CA LYS C 423 -13.00 16.44 34.26
C LYS C 423 -11.64 17.10 34.38
N GLN C 424 -10.78 16.50 35.21
CA GLN C 424 -9.44 16.97 35.43
C GLN C 424 -8.51 16.80 34.21
N MET C 425 -8.78 15.81 33.35
CA MET C 425 -7.96 15.62 32.13
C MET C 425 -8.23 16.79 31.21
N GLN C 426 -9.51 17.12 31.06
CA GLN C 426 -9.91 18.21 30.17
C GLN C 426 -9.50 19.61 30.68
N GLN C 427 -9.66 19.86 31.98
CA GLN C 427 -9.26 21.14 32.58
C GLN C 427 -7.74 21.38 32.58
N LYS C 428 -6.98 20.35 32.93
CA LYS C 428 -5.54 20.51 33.11
C LYS C 428 -4.73 20.49 31.81
N ILE C 429 -5.26 19.77 30.80
CA ILE C 429 -4.64 19.69 29.46
C ILE C 429 -5.22 20.72 28.45
N ASN C 430 -6.55 20.86 28.41
CA ASN C 430 -7.15 21.80 27.44
C ASN C 430 -8.06 22.90 28.01
C1 XYS D . -4.60 28.92 -20.91
C2 XYS D . -6.03 28.35 -20.75
C3 XYS D . -6.18 27.27 -19.68
C4 XYS D . -5.00 26.27 -19.75
C5 XYS D . -3.68 27.04 -19.66
O1 XYS D . -4.49 30.30 -20.94
O2 XYS D . -7.04 29.28 -20.61
O3 XYS D . -7.41 26.66 -19.89
O4 XYS D . -5.12 25.15 -18.90
O5 XYS D . -3.60 28.28 -20.17
C1 XYP D . -5.97 24.20 -19.11
C2 XYP D . -5.15 22.92 -19.15
C3 XYP D . -6.18 21.76 -19.25
C4 XYP D . -7.04 21.88 -18.02
C5 XYP D . -7.72 23.26 -17.96
O2 XYP D . -4.38 22.95 -20.35
O3 XYP D . -5.36 20.57 -19.15
O4 XYP D . -8.04 20.86 -18.14
O5 XYP D . -6.69 24.25 -17.92
C1 XYP D . -8.57 20.30 -16.98
C2 XYP D . -9.96 19.76 -17.31
C3 XYP D . -10.49 19.06 -16.05
C4 XYP D . -9.47 18.04 -15.49
C5 XYP D . -8.03 18.62 -15.39
O2 XYP D . -10.77 20.85 -17.73
O3 XYP D . -11.73 18.43 -16.44
O4 XYP D . -9.86 17.54 -14.20
O5 XYP D . -7.69 19.26 -16.61
C1 XYS E . -4.63 -30.86 -5.52
C2 XYS E . -4.83 -30.66 -7.04
C3 XYS E . -4.11 -29.45 -7.60
C4 XYS E . -4.24 -28.25 -6.65
C5 XYS E . -3.73 -28.62 -5.26
O1 XYS E . -4.02 -32.04 -5.14
O2 XYS E . -4.58 -31.76 -7.81
O3 XYS E . -4.64 -29.24 -8.86
O4 XYS E . -3.74 -27.06 -7.17
O5 XYS E . -4.18 -29.79 -4.76
C1 XYP E . -4.23 -26.43 -8.09
C2 XYP E . -4.47 -25.02 -7.57
C3 XYP E . -5.01 -24.15 -8.74
C4 XYP E . -3.95 -24.21 -9.80
C5 XYP E . -3.59 -25.69 -10.16
O2 XYP E . -5.56 -25.11 -6.65
O3 XYP E . -5.12 -22.81 -8.28
O4 XYP E . -4.49 -23.57 -10.94
O5 XYP E . -3.16 -26.40 -9.00
C1 XYP E . -3.48 -22.93 -11.79
C2 XYP E . -4.10 -22.82 -13.15
C3 XYP E . -3.15 -22.01 -14.05
C4 XYP E . -2.77 -20.64 -13.40
C5 XYP E . -2.40 -20.86 -11.91
O2 XYP E . -4.32 -24.13 -13.69
O3 XYP E . -3.89 -21.80 -15.26
O4 XYP E . -1.67 -20.03 -14.07
O5 XYP E . -3.35 -21.64 -11.18
#